data_3U1H
#
_entry.id   3U1H
#
_cell.length_a   71.266
_cell.length_b   75.985
_cell.length_c   171.225
_cell.angle_alpha   90.000
_cell.angle_beta   90.000
_cell.angle_gamma   90.000
#
_symmetry.space_group_name_H-M   'P 21 2 21'
#
loop_
_entity.id
_entity.type
_entity.pdbx_description
1 polymer '3-isopropylmalate dehydrogenase'
2 water water
#
_entity_poly.entity_id   1
_entity_poly.type   'polypeptide(L)'
_entity_poly.pdbx_seq_one_letter_code
;HHHHHHDYDIPTTENLYFQGAMKKKIAVLPGDGIGPEVMEAAIEVLKAVAERFGHEFEFEYGLIGGAAIDEAGTPLPEET
LDVCRGSDAILLGAVGGPKWDQNPSELRPEKGLLGIRKGLDLFANLRPVKVYDSLADASPLKKEVIEGVDLVIVRELTGG
LYFGEPSERYEEGEEAAVDTLLYTREEIERIIRKAFELALTRKKKVTSVDKANVLESSRLWREVAEEVAKEYPDVELEHM
LVDNAAMQLIRNPRQFDVIVTENMFGDILSDEASMITGSLGMLPSASLSTDGLGLYEPVHGSAPDIAGKGIANPLATILS
AAMMLRYSFGLEEEAKAIEKAVEKVLAEGYRTADIAKPGGKYVSTTEMTDEVKAAVVDELATSAIMTAYV
;
_entity_poly.pdbx_strand_id   A,B
#
# COMPACT_ATOMS: atom_id res chain seq x y z
N LYS A 24 37.90 -8.33 12.06
CA LYS A 24 36.59 -8.37 11.34
C LYS A 24 36.69 -7.59 10.03
N LYS A 25 36.55 -8.32 8.91
CA LYS A 25 36.70 -7.78 7.56
C LYS A 25 35.35 -7.36 6.98
N ILE A 26 35.31 -6.16 6.39
CA ILE A 26 34.04 -5.54 5.92
C ILE A 26 34.04 -5.12 4.44
N ALA A 27 32.97 -5.46 3.74
CA ALA A 27 32.85 -5.22 2.30
C ALA A 27 32.13 -3.91 1.96
N VAL A 28 32.90 -2.89 1.58
CA VAL A 28 32.30 -1.59 1.27
C VAL A 28 32.16 -1.36 -0.23
N LEU A 29 30.98 -0.92 -0.66
CA LEU A 29 30.64 -0.77 -2.07
C LEU A 29 29.83 0.48 -2.26
N PRO A 30 30.49 1.62 -2.55
CA PRO A 30 29.82 2.91 -2.57
C PRO A 30 28.80 2.96 -3.70
N GLY A 31 29.20 2.43 -4.85
CA GLY A 31 28.36 2.50 -6.02
C GLY A 31 28.52 3.87 -6.64
N ASP A 32 27.40 4.46 -7.06
CA ASP A 32 27.42 5.75 -7.78
C ASP A 32 26.34 6.70 -7.24
N GLY A 33 26.29 7.91 -7.82
CA GLY A 33 25.45 8.99 -7.29
C GLY A 33 26.07 9.50 -6.00
N ILE A 34 25.23 9.68 -4.98
CA ILE A 34 25.73 10.05 -3.66
C ILE A 34 26.16 8.80 -2.85
N GLY A 35 26.09 7.64 -3.49
CA GLY A 35 26.57 6.40 -2.90
C GLY A 35 27.91 6.65 -2.24
N PRO A 36 28.93 6.96 -3.06
CA PRO A 36 30.28 7.25 -2.57
C PRO A 36 30.32 8.27 -1.44
N GLU A 37 29.39 9.23 -1.47
CA GLU A 37 29.29 10.29 -0.46
C GLU A 37 28.77 9.80 0.89
N VAL A 38 27.54 9.27 0.88
CA VAL A 38 26.97 8.72 2.10
C VAL A 38 27.74 7.50 2.60
N MET A 39 28.54 6.87 1.74
CA MET A 39 29.34 5.74 2.18
C MET A 39 30.52 6.22 3.00
N GLU A 40 31.28 7.15 2.41
CA GLU A 40 32.37 7.81 3.11
C GLU A 40 31.88 8.35 4.46
N ALA A 41 30.70 8.95 4.45
CA ALA A 41 30.05 9.44 5.66
C ALA A 41 29.84 8.32 6.70
N ALA A 42 29.36 7.18 6.24
CA ALA A 42 29.08 6.08 7.15
C ALA A 42 30.39 5.59 7.73
N ILE A 43 31.37 5.36 6.85
CA ILE A 43 32.65 4.80 7.28
C ILE A 43 33.34 5.74 8.29
N GLU A 44 33.15 7.04 8.10
CA GLU A 44 33.75 8.01 9.02
C GLU A 44 33.20 7.82 10.43
N VAL A 45 31.88 7.77 10.54
CA VAL A 45 31.22 7.50 11.82
C VAL A 45 31.66 6.15 12.37
N LEU A 46 31.65 5.14 11.51
CA LEU A 46 32.07 3.79 11.87
C LEU A 46 33.47 3.74 12.54
N LYS A 47 34.51 4.12 11.78
CA LYS A 47 35.91 4.24 12.24
C LYS A 47 36.04 4.86 13.63
N ALA A 48 35.40 6.01 13.82
CA ALA A 48 35.42 6.70 15.09
C ALA A 48 35.07 5.76 16.23
N VAL A 49 33.98 5.02 16.08
CA VAL A 49 33.41 4.23 17.17
C VAL A 49 34.30 3.05 17.54
N ALA A 50 34.90 2.42 16.54
CA ALA A 50 35.78 1.27 16.73
C ALA A 50 37.15 1.60 17.40
N GLU A 51 37.77 2.71 17.01
CA GLU A 51 39.03 3.18 17.62
C GLU A 51 38.81 3.46 19.12
N ARG A 52 37.66 4.04 19.45
CA ARG A 52 37.32 4.30 20.85
C ARG A 52 37.03 3.02 21.59
N PHE A 53 36.55 2.01 20.86
CA PHE A 53 36.05 0.78 21.47
C PHE A 53 37.03 -0.41 21.52
N GLY A 54 38.25 -0.21 21.02
CA GLY A 54 39.25 -1.28 21.05
C GLY A 54 39.62 -1.86 19.70
N HIS A 55 38.64 -2.47 19.01
CA HIS A 55 38.88 -3.18 17.74
C HIS A 55 38.96 -2.25 16.56
N GLU A 56 39.68 -2.70 15.54
CA GLU A 56 39.73 -2.04 14.23
C GLU A 56 39.12 -2.99 13.20
N PHE A 57 39.00 -2.52 11.96
CA PHE A 57 38.36 -3.30 10.91
C PHE A 57 39.18 -3.20 9.65
N GLU A 58 39.27 -4.31 8.91
CA GLU A 58 39.82 -4.25 7.55
C GLU A 58 38.69 -3.95 6.54
N PHE A 59 38.91 -2.99 5.65
CA PHE A 59 37.92 -2.59 4.64
C PHE A 59 38.39 -2.97 3.25
N GLU A 60 37.50 -3.59 2.47
CA GLU A 60 37.79 -3.91 1.08
C GLU A 60 36.78 -3.18 0.20
N TYR A 61 37.28 -2.63 -0.91
CA TYR A 61 36.48 -1.78 -1.79
C TYR A 61 36.09 -2.48 -3.07
N GLY A 62 34.86 -2.23 -3.52
CA GLY A 62 34.32 -2.85 -4.74
C GLY A 62 33.37 -2.00 -5.55
N LEU A 63 33.37 -2.21 -6.86
CA LEU A 63 32.45 -1.50 -7.74
C LEU A 63 31.06 -2.16 -7.70
N ILE A 64 30.03 -1.42 -8.12
CA ILE A 64 28.67 -1.98 -8.24
C ILE A 64 27.69 -1.10 -9.04
N GLY A 65 27.05 -1.69 -10.05
CA GLY A 65 26.13 -0.95 -10.89
C GLY A 65 26.89 -0.05 -11.83
N GLY A 66 26.33 1.12 -12.12
CA GLY A 66 26.97 2.10 -13.01
C GLY A 66 28.49 2.21 -12.97
N ALA A 67 29.09 2.14 -11.78
CA ALA A 67 30.55 2.15 -11.64
C ALA A 67 31.15 0.83 -12.08
N ALA A 68 30.39 -0.25 -11.88
CA ALA A 68 30.78 -1.60 -12.28
C ALA A 68 30.46 -1.88 -13.75
N ILE A 69 29.59 -1.08 -14.34
CA ILE A 69 29.34 -1.18 -15.78
C ILE A 69 30.41 -0.39 -16.54
N ASP A 70 30.84 0.74 -15.99
CA ASP A 70 31.84 1.57 -16.64
C ASP A 70 33.20 0.91 -16.52
N GLU A 71 33.90 1.17 -15.41
CA GLU A 71 35.28 0.71 -15.19
C GLU A 71 35.56 -0.77 -15.51
N ALA A 72 34.49 -1.57 -15.68
CA ALA A 72 34.55 -2.98 -16.15
C ALA A 72 33.21 -3.52 -16.73
N GLY A 73 33.09 -4.84 -16.88
CA GLY A 73 32.02 -5.46 -17.66
C GLY A 73 30.57 -5.46 -17.15
N THR A 74 30.26 -6.39 -16.24
CA THR A 74 28.88 -6.64 -15.75
C THR A 74 28.41 -5.68 -14.63
N PRO A 75 27.06 -5.51 -14.47
CA PRO A 75 26.53 -4.75 -13.31
C PRO A 75 27.02 -5.32 -11.96
N LEU A 76 27.15 -6.64 -11.88
CA LEU A 76 27.82 -7.27 -10.76
C LEU A 76 28.91 -8.23 -11.24
N PRO A 77 30.17 -7.78 -11.14
CA PRO A 77 31.32 -8.58 -11.51
C PRO A 77 31.53 -9.74 -10.57
N GLU A 78 32.04 -10.85 -11.12
CA GLU A 78 32.58 -11.96 -10.35
C GLU A 78 33.74 -11.45 -9.46
N GLU A 79 34.63 -10.64 -10.04
CA GLU A 79 35.78 -10.10 -9.32
C GLU A 79 35.37 -9.57 -7.94
N THR A 80 34.16 -8.99 -7.87
CA THR A 80 33.65 -8.37 -6.64
C THR A 80 32.84 -9.33 -5.79
N LEU A 81 31.88 -10.02 -6.41
CA LEU A 81 31.00 -11.01 -5.77
C LEU A 81 31.71 -11.87 -4.72
N ASP A 82 32.98 -12.16 -5.00
CA ASP A 82 33.78 -13.02 -4.16
C ASP A 82 34.35 -12.25 -2.97
N VAL A 83 34.62 -10.96 -3.18
CA VAL A 83 35.12 -10.12 -2.09
C VAL A 83 34.04 -9.98 -0.99
N CYS A 84 32.78 -9.86 -1.41
CA CYS A 84 31.66 -9.94 -0.49
C CYS A 84 31.71 -11.28 0.19
N ARG A 85 31.82 -12.34 -0.61
CA ARG A 85 31.78 -13.72 -0.11
C ARG A 85 32.86 -14.00 0.91
N GLY A 86 34.02 -13.40 0.72
CA GLY A 86 35.12 -13.60 1.66
C GLY A 86 35.13 -12.61 2.82
N SER A 87 33.99 -11.99 3.13
CA SER A 87 33.94 -10.90 4.13
C SER A 87 32.76 -10.96 5.09
N ASP A 88 32.94 -10.44 6.30
CA ASP A 88 31.97 -10.58 7.41
C ASP A 88 30.70 -9.74 7.33
N ALA A 89 30.73 -8.70 6.49
CA ALA A 89 29.58 -7.82 6.28
C ALA A 89 29.75 -7.06 4.98
N ILE A 90 28.66 -6.51 4.47
CA ILE A 90 28.69 -5.70 3.26
C ILE A 90 27.95 -4.38 3.47
N LEU A 91 28.58 -3.29 3.07
CA LEU A 91 27.92 -1.98 3.08
C LEU A 91 27.70 -1.52 1.66
N LEU A 92 26.46 -1.25 1.32
CA LEU A 92 26.10 -0.80 -0.02
C LEU A 92 25.54 0.62 0.03
N GLY A 93 25.79 1.40 -1.01
CA GLY A 93 25.34 2.78 -1.04
C GLY A 93 24.08 2.89 -1.85
N ALA A 94 24.25 3.23 -3.13
CA ALA A 94 23.13 3.20 -4.06
C ALA A 94 23.62 2.78 -5.43
N VAL A 95 22.67 2.64 -6.36
CA VAL A 95 22.96 2.39 -7.77
C VAL A 95 21.88 3.05 -8.62
N GLY A 96 22.15 3.20 -9.92
CA GLY A 96 21.16 3.71 -10.88
C GLY A 96 21.40 5.14 -11.31
N GLY A 97 21.08 5.44 -12.58
CA GLY A 97 21.21 6.80 -13.14
C GLY A 97 20.60 7.03 -14.52
N PRO A 98 20.61 8.32 -15.00
CA PRO A 98 20.09 8.62 -16.34
C PRO A 98 20.98 7.98 -17.38
N LYS A 99 22.29 8.16 -17.19
CA LYS A 99 23.32 7.53 -18.01
C LYS A 99 22.97 6.09 -18.42
N TRP A 100 22.34 5.34 -17.52
CA TRP A 100 22.03 3.95 -17.78
C TRP A 100 20.51 3.70 -17.78
N ASP A 101 19.73 4.77 -17.92
CA ASP A 101 18.25 4.69 -18.10
C ASP A 101 17.85 4.58 -19.60
N GLN A 102 18.46 5.43 -20.44
CA GLN A 102 18.56 5.19 -21.89
C GLN A 102 19.84 4.38 -22.08
N ASN A 103 19.82 3.44 -23.02
CA ASN A 103 20.87 2.40 -23.10
C ASN A 103 20.94 1.52 -21.83
N PRO A 104 19.80 0.89 -21.47
CA PRO A 104 19.88 -0.10 -20.41
C PRO A 104 20.26 -1.46 -20.99
N SER A 105 19.43 -1.94 -21.93
CA SER A 105 19.39 -3.33 -22.39
C SER A 105 18.46 -4.18 -21.50
N GLU A 106 17.89 -3.58 -20.46
CA GLU A 106 17.07 -4.26 -19.43
C GLU A 106 17.82 -5.44 -18.75
N LEU A 107 19.13 -5.46 -18.97
CA LEU A 107 20.02 -6.49 -18.46
C LEU A 107 21.24 -5.84 -17.81
N ARG A 108 21.40 -4.53 -18.03
CA ARG A 108 22.58 -3.79 -17.51
C ARG A 108 22.36 -2.49 -16.68
N PRO A 109 21.09 -1.98 -16.54
CA PRO A 109 20.89 -0.58 -16.09
C PRO A 109 21.23 -0.20 -14.63
N GLU A 110 21.01 -1.12 -13.68
CA GLU A 110 21.20 -0.79 -12.27
C GLU A 110 21.47 -2.07 -11.49
N LYS A 111 20.40 -2.79 -11.20
CA LYS A 111 20.45 -3.98 -10.36
C LYS A 111 20.69 -5.31 -11.11
N GLY A 112 21.82 -5.99 -10.91
CA GLY A 112 22.94 -5.59 -10.04
C GLY A 112 22.75 -6.02 -8.60
N LEU A 113 21.80 -5.34 -7.97
CA LEU A 113 21.31 -5.63 -6.64
C LEU A 113 20.76 -7.05 -6.61
N LEU A 114 19.68 -7.32 -7.36
CA LEU A 114 19.31 -8.72 -7.64
C LEU A 114 20.54 -9.23 -8.37
N GLY A 115 21.03 -10.39 -7.98
CA GLY A 115 22.35 -10.80 -8.44
C GLY A 115 23.25 -10.75 -7.23
N ILE A 116 23.23 -9.62 -6.54
CA ILE A 116 23.76 -9.60 -5.19
C ILE A 116 22.83 -10.46 -4.32
N ARG A 117 21.53 -10.18 -4.35
CA ARG A 117 20.53 -10.87 -3.50
C ARG A 117 20.59 -12.38 -3.69
N LYS A 118 20.44 -12.80 -4.95
CA LYS A 118 20.42 -14.21 -5.34
C LYS A 118 21.82 -14.81 -5.24
N GLY A 119 22.85 -14.02 -5.55
CA GLY A 119 24.24 -14.51 -5.49
C GLY A 119 24.67 -14.80 -4.06
N LEU A 120 24.01 -14.13 -3.12
CA LEU A 120 24.40 -14.22 -1.70
C LEU A 120 23.44 -15.01 -0.78
N ASP A 121 22.40 -15.59 -1.39
CA ASP A 121 21.42 -16.38 -0.67
C ASP A 121 20.79 -15.58 0.46
N LEU A 122 20.70 -14.26 0.26
CA LEU A 122 20.00 -13.39 1.21
C LEU A 122 18.53 -13.71 1.12
N PHE A 123 17.95 -14.09 2.25
CA PHE A 123 16.56 -14.44 2.32
C PHE A 123 15.71 -13.44 3.08
N ALA A 124 16.32 -12.75 4.04
CA ALA A 124 15.58 -11.81 4.89
C ALA A 124 15.92 -10.37 4.60
N ASN A 125 14.87 -9.57 4.40
CA ASN A 125 14.98 -8.11 4.37
C ASN A 125 14.40 -7.45 5.61
N LEU A 126 15.22 -6.62 6.26
CA LEU A 126 14.81 -5.96 7.49
C LEU A 126 14.76 -4.49 7.29
N ARG A 127 13.56 -3.92 7.31
CA ARG A 127 13.44 -2.47 7.19
C ARG A 127 12.79 -1.95 8.46
N PRO A 128 13.59 -1.30 9.34
CA PRO A 128 13.08 -0.69 10.57
C PRO A 128 12.51 0.69 10.30
N VAL A 129 11.43 1.03 11.00
CA VAL A 129 10.82 2.36 10.93
C VAL A 129 10.53 2.81 12.35
N LYS A 130 11.45 3.57 12.92
CA LYS A 130 11.18 4.22 14.20
C LYS A 130 11.31 5.71 13.96
N VAL A 131 10.22 6.42 14.21
CA VAL A 131 10.12 7.84 13.94
C VAL A 131 10.71 8.59 15.09
N TYR A 132 11.49 9.59 14.76
CA TYR A 132 12.12 10.43 15.75
C TYR A 132 11.11 11.48 16.26
N ASP A 133 11.11 11.75 17.57
CA ASP A 133 10.27 12.82 18.09
C ASP A 133 10.68 14.12 17.43
N SER A 134 11.98 14.36 17.40
CA SER A 134 12.58 15.46 16.64
C SER A 134 11.80 15.70 15.36
N LEU A 135 11.41 14.61 14.72
CA LEU A 135 10.97 14.63 13.32
C LEU A 135 9.50 14.31 13.06
N ALA A 136 8.72 14.13 14.12
CA ALA A 136 7.29 13.79 14.02
C ALA A 136 6.41 14.75 13.20
N ASP A 137 7.07 15.68 12.51
CA ASP A 137 6.35 16.67 11.73
C ASP A 137 6.85 16.68 10.28
N ALA A 138 7.67 15.69 9.95
CA ALA A 138 8.19 15.57 8.60
C ALA A 138 7.21 14.81 7.71
N SER A 139 6.45 13.90 8.33
CA SER A 139 5.62 13.02 7.54
C SER A 139 4.42 13.69 6.93
N PRO A 140 4.04 13.23 5.74
CA PRO A 140 2.69 13.51 5.23
C PRO A 140 1.58 13.07 6.20
N LEU A 141 1.85 12.12 7.09
CA LEU A 141 0.82 11.72 8.05
C LEU A 141 0.80 12.65 9.27
N LYS A 142 -0.31 12.64 10.00
CA LYS A 142 -0.46 13.58 11.13
C LYS A 142 0.36 13.14 12.34
N LYS A 143 0.95 14.12 13.02
CA LYS A 143 1.81 13.81 14.16
C LYS A 143 1.07 12.92 15.18
N GLU A 144 -0.24 13.14 15.30
CA GLU A 144 -1.13 12.34 16.16
C GLU A 144 -1.02 10.84 15.89
N VAL A 145 -0.62 10.49 14.67
CA VAL A 145 -0.56 9.09 14.30
C VAL A 145 0.87 8.54 14.24
N ILE A 146 1.83 9.36 13.84
CA ILE A 146 3.19 8.86 13.70
C ILE A 146 4.09 9.00 14.94
N GLU A 147 3.67 9.75 15.98
CA GLU A 147 4.60 10.05 17.08
C GLU A 147 5.33 8.82 17.68
N GLY A 148 4.59 7.80 18.09
CA GLY A 148 5.22 6.66 18.79
C GLY A 148 5.69 5.45 17.97
N VAL A 149 5.32 5.37 16.69
CA VAL A 149 5.64 4.19 15.89
C VAL A 149 7.13 3.80 15.85
N ASP A 150 7.33 2.51 16.06
CA ASP A 150 8.64 1.91 15.97
C ASP A 150 8.27 0.48 15.63
N LEU A 151 8.44 0.15 14.35
CA LEU A 151 8.07 -1.17 13.79
C LEU A 151 9.14 -1.65 12.82
N VAL A 152 9.18 -2.96 12.59
CA VAL A 152 10.02 -3.51 11.54
C VAL A 152 9.29 -4.45 10.58
N ILE A 153 9.50 -4.19 9.29
CA ILE A 153 9.01 -5.05 8.24
C ILE A 153 10.12 -6.03 7.89
N VAL A 154 9.75 -7.30 7.95
CA VAL A 154 10.64 -8.39 7.66
C VAL A 154 10.11 -9.04 6.40
N ARG A 155 10.94 -9.03 5.35
CA ARG A 155 10.47 -9.37 3.99
C ARG A 155 11.17 -10.58 3.39
N GLU A 156 10.39 -11.56 2.98
CA GLU A 156 11.02 -12.70 2.33
C GLU A 156 11.56 -12.33 0.96
N LEU A 157 12.84 -12.68 0.72
CA LEU A 157 13.58 -12.31 -0.49
C LEU A 157 13.77 -13.38 -1.57
N THR A 158 13.67 -14.65 -1.20
CA THR A 158 13.96 -15.75 -2.12
C THR A 158 12.78 -16.36 -2.92
N GLY A 159 11.62 -16.48 -2.29
CA GLY A 159 10.46 -17.12 -2.91
C GLY A 159 9.39 -16.15 -3.41
N GLY A 160 8.18 -16.66 -3.62
CA GLY A 160 7.12 -15.92 -4.31
C GLY A 160 7.47 -15.59 -5.76
N LEU A 161 6.85 -14.54 -6.27
CA LEU A 161 7.05 -14.07 -7.65
C LEU A 161 8.51 -13.78 -8.06
N TYR A 162 8.67 -13.55 -9.36
CA TYR A 162 9.96 -13.61 -10.06
C TYR A 162 10.68 -14.97 -9.87
N PHE A 163 11.69 -15.01 -9.00
CA PHE A 163 12.51 -16.22 -8.92
C PHE A 163 12.47 -16.92 -7.56
N GLU A 171 9.66 -10.74 -25.93
CA GLU A 171 8.67 -11.29 -26.86
C GLU A 171 7.39 -10.44 -26.93
N GLU A 172 7.51 -9.26 -27.55
CA GLU A 172 6.36 -8.40 -27.89
C GLU A 172 5.25 -9.20 -28.59
N GLY A 173 4.01 -8.73 -28.46
CA GLY A 173 2.90 -9.28 -29.23
C GLY A 173 2.25 -10.56 -28.71
N GLU A 174 2.87 -11.22 -27.73
CA GLU A 174 2.28 -12.42 -27.11
C GLU A 174 0.79 -12.21 -26.86
N GLU A 175 -0.03 -13.23 -27.05
CA GLU A 175 -1.45 -13.09 -26.78
C GLU A 175 -1.82 -13.50 -25.35
N ALA A 176 -0.83 -13.87 -24.52
CA ALA A 176 -1.07 -14.07 -23.06
C ALA A 176 0.22 -14.18 -22.26
N ALA A 177 0.12 -13.99 -20.93
CA ALA A 177 1.34 -14.03 -20.09
C ALA A 177 1.14 -14.74 -18.77
N VAL A 178 2.23 -15.24 -18.20
CA VAL A 178 2.14 -16.03 -16.95
C VAL A 178 3.19 -15.67 -15.92
N ASP A 179 2.77 -15.63 -14.67
CA ASP A 179 3.71 -15.56 -13.58
C ASP A 179 3.37 -16.60 -12.55
N THR A 180 4.42 -17.22 -12.05
CA THR A 180 4.25 -18.27 -11.09
C THR A 180 4.77 -17.79 -9.74
N LEU A 181 3.93 -17.93 -8.72
CA LEU A 181 4.29 -17.61 -7.36
C LEU A 181 4.64 -18.89 -6.65
N LEU A 182 5.95 -19.10 -6.43
CA LEU A 182 6.45 -20.33 -5.80
C LEU A 182 7.11 -20.15 -4.45
N TYR A 183 6.46 -20.64 -3.38
CA TYR A 183 7.12 -20.72 -2.08
C TYR A 183 7.32 -22.15 -1.62
N THR A 184 8.44 -22.41 -0.94
CA THR A 184 8.67 -23.70 -0.27
C THR A 184 8.45 -23.58 1.23
N ARG A 185 8.18 -24.70 1.88
CA ARG A 185 7.89 -24.72 3.31
C ARG A 185 9.14 -24.39 4.11
N GLU A 186 10.28 -24.75 3.56
CA GLU A 186 11.56 -24.33 4.10
C GLU A 186 11.62 -22.82 4.07
N GLU A 187 11.28 -22.22 2.94
CA GLU A 187 11.53 -20.78 2.74
C GLU A 187 10.78 -19.98 3.74
N ILE A 188 9.48 -20.25 3.83
CA ILE A 188 8.58 -19.56 4.74
C ILE A 188 9.01 -19.68 6.19
N GLU A 189 9.28 -20.94 6.59
CA GLU A 189 9.78 -21.28 7.93
C GLU A 189 11.04 -20.55 8.25
N ARG A 190 11.95 -20.49 7.28
CA ARG A 190 13.23 -19.83 7.49
C ARG A 190 13.02 -18.36 7.84
N ILE A 191 12.09 -17.69 7.15
CA ILE A 191 11.83 -16.26 7.37
C ILE A 191 10.98 -15.98 8.59
N ILE A 192 9.91 -16.77 8.81
CA ILE A 192 9.08 -16.52 9.97
C ILE A 192 9.90 -16.65 11.27
N ARG A 193 10.91 -17.50 11.26
CA ARG A 193 11.69 -17.65 12.46
C ARG A 193 12.43 -16.38 12.81
N LYS A 194 13.10 -15.77 11.83
CA LYS A 194 13.77 -14.50 12.00
C LYS A 194 12.80 -13.49 12.57
N ALA A 195 11.58 -13.49 12.05
CA ALA A 195 10.53 -12.62 12.54
C ALA A 195 10.24 -12.78 14.03
N PHE A 196 10.24 -14.02 14.52
CA PHE A 196 10.04 -14.25 15.97
C PHE A 196 11.31 -13.96 16.80
N GLU A 197 12.45 -14.42 16.32
CA GLU A 197 13.74 -14.05 16.92
C GLU A 197 13.82 -12.54 17.22
N LEU A 198 13.63 -11.69 16.21
CA LEU A 198 13.57 -10.23 16.37
C LEU A 198 12.51 -9.68 17.35
N ALA A 199 11.31 -10.26 17.33
CA ALA A 199 10.23 -9.86 18.20
C ALA A 199 10.61 -10.01 19.67
N LEU A 200 11.31 -11.11 19.95
CA LEU A 200 11.87 -11.37 21.27
C LEU A 200 12.77 -10.26 21.79
N THR A 201 13.51 -9.60 20.90
CA THR A 201 14.35 -8.48 21.34
C THR A 201 13.56 -7.18 21.28
N ARG A 202 12.27 -7.26 20.94
CA ARG A 202 11.46 -6.05 20.80
C ARG A 202 10.19 -6.20 21.60
N LYS A 203 9.04 -5.80 21.06
CA LYS A 203 7.77 -5.77 21.83
C LYS A 203 7.02 -7.12 21.87
N LYS A 204 7.75 -8.16 21.49
CA LYS A 204 7.22 -9.52 21.48
C LYS A 204 5.81 -9.56 20.85
N LYS A 205 5.71 -9.07 19.61
CA LYS A 205 4.49 -9.15 18.77
C LYS A 205 4.84 -9.25 17.28
N VAL A 206 4.22 -10.22 16.58
CA VAL A 206 4.48 -10.49 15.16
C VAL A 206 3.19 -10.45 14.35
N THR A 207 3.03 -9.42 13.54
CA THR A 207 1.96 -9.39 12.57
C THR A 207 2.42 -10.16 11.36
N SER A 208 1.64 -11.17 10.97
CA SER A 208 1.98 -12.01 9.79
C SER A 208 1.02 -11.64 8.69
N VAL A 209 1.56 -11.13 7.58
CA VAL A 209 0.68 -10.59 6.55
C VAL A 209 0.65 -11.46 5.31
N ASP A 210 -0.53 -11.99 5.03
CA ASP A 210 -0.73 -12.90 3.90
C ASP A 210 -1.98 -12.53 3.10
N LYS A 211 -2.16 -13.13 1.92
CA LYS A 211 -3.46 -13.04 1.24
C LYS A 211 -4.11 -14.43 1.23
N ALA A 212 -4.20 -15.03 2.41
CA ALA A 212 -4.66 -16.41 2.53
C ALA A 212 -6.16 -16.67 2.32
N ASN A 213 -6.92 -15.65 1.94
CA ASN A 213 -8.25 -15.94 1.48
C ASN A 213 -8.29 -16.06 -0.04
N VAL A 214 -7.14 -16.18 -0.69
CA VAL A 214 -7.12 -16.31 -2.14
C VAL A 214 -5.88 -17.06 -2.65
N LEU A 215 -4.75 -16.86 -2.00
CA LEU A 215 -3.48 -17.42 -2.50
C LEU A 215 -3.06 -18.77 -1.92
N GLU A 216 -2.83 -19.74 -2.82
CA GLU A 216 -2.45 -21.06 -2.35
C GLU A 216 -1.29 -20.85 -1.38
N SER A 217 -0.25 -20.13 -1.82
CA SER A 217 0.95 -19.88 -1.01
C SER A 217 0.68 -19.25 0.32
N SER A 218 -0.43 -18.56 0.43
CA SER A 218 -0.70 -17.87 1.64
C SER A 218 -1.34 -18.81 2.65
N ARG A 219 -2.14 -19.77 2.17
CA ARG A 219 -2.68 -20.82 3.06
C ARG A 219 -1.48 -21.50 3.74
N LEU A 220 -0.49 -21.84 2.92
CA LEU A 220 0.78 -22.41 3.38
C LEU A 220 1.48 -21.52 4.40
N TRP A 221 1.69 -20.26 4.03
CA TRP A 221 2.28 -19.26 4.90
C TRP A 221 1.68 -19.25 6.30
N ARG A 222 0.36 -19.07 6.37
CA ARG A 222 -0.36 -18.93 7.65
C ARG A 222 -0.29 -20.21 8.49
N GLU A 223 -0.41 -21.36 7.85
CA GLU A 223 -0.16 -22.61 8.52
C GLU A 223 1.28 -22.63 9.05
N VAL A 224 2.29 -22.40 8.18
CA VAL A 224 3.69 -22.32 8.68
C VAL A 224 3.76 -21.38 9.89
N ALA A 225 2.95 -20.33 9.84
CA ALA A 225 2.96 -19.32 10.87
C ALA A 225 2.54 -19.89 12.23
N GLU A 226 1.42 -20.61 12.28
CA GLU A 226 0.85 -21.10 13.54
C GLU A 226 1.72 -22.21 14.08
N GLU A 227 2.52 -22.78 13.20
CA GLU A 227 3.39 -23.88 13.56
C GLU A 227 4.52 -23.33 14.42
N VAL A 228 4.97 -22.13 14.09
CA VAL A 228 6.11 -21.53 14.76
C VAL A 228 5.69 -20.74 16.00
N ALA A 229 4.47 -20.21 15.93
CA ALA A 229 3.86 -19.50 17.05
C ALA A 229 4.04 -20.32 18.31
N LYS A 230 3.95 -21.63 18.14
CA LYS A 230 4.06 -22.55 19.26
C LYS A 230 5.45 -22.60 19.90
N GLU A 231 6.51 -22.52 19.08
CA GLU A 231 7.86 -22.48 19.64
C GLU A 231 8.25 -21.16 20.35
N TYR A 232 7.37 -20.17 20.30
CA TYR A 232 7.58 -18.92 21.03
C TYR A 232 6.26 -18.56 21.69
N PRO A 233 5.89 -19.29 22.75
CA PRO A 233 4.58 -19.14 23.38
C PRO A 233 4.41 -17.75 24.00
N ASP A 234 5.53 -17.07 24.23
CA ASP A 234 5.57 -15.76 24.85
C ASP A 234 5.52 -14.59 23.86
N VAL A 235 5.09 -14.87 22.63
CA VAL A 235 5.02 -13.82 21.61
C VAL A 235 3.61 -13.80 21.00
N GLU A 236 3.03 -12.62 20.79
CA GLU A 236 1.72 -12.59 20.14
C GLU A 236 1.88 -12.71 18.62
N LEU A 237 1.08 -13.58 18.02
CA LEU A 237 1.04 -13.71 16.56
C LEU A 237 -0.33 -13.27 16.11
N GLU A 238 -0.40 -12.35 15.15
CA GLU A 238 -1.68 -12.05 14.52
C GLU A 238 -1.62 -12.20 13.01
N HIS A 239 -2.74 -12.58 12.43
CA HIS A 239 -2.82 -12.66 10.98
C HIS A 239 -3.44 -11.39 10.43
N MET A 240 -2.77 -10.78 9.47
CA MET A 240 -3.33 -9.61 8.80
C MET A 240 -3.31 -9.75 7.30
N LEU A 241 -4.47 -9.53 6.69
CA LEU A 241 -4.57 -9.59 5.24
C LEU A 241 -3.87 -8.43 4.61
N VAL A 242 -3.10 -8.74 3.57
CA VAL A 242 -2.21 -7.77 2.94
C VAL A 242 -2.82 -6.39 2.70
N ASP A 243 -4.09 -6.33 2.27
CA ASP A 243 -4.73 -5.05 1.97
C ASP A 243 -5.15 -4.32 3.20
N ASN A 244 -5.54 -5.04 4.23
CA ASN A 244 -5.77 -4.40 5.51
C ASN A 244 -4.53 -3.73 5.97
N ALA A 245 -3.45 -4.52 6.00
CA ALA A 245 -2.16 -4.06 6.41
C ALA A 245 -1.94 -2.68 5.85
N ALA A 246 -2.15 -2.52 4.55
CA ALA A 246 -1.92 -1.23 3.88
C ALA A 246 -2.76 -0.09 4.43
N MET A 247 -3.99 -0.37 4.87
CA MET A 247 -4.85 0.63 5.54
C MET A 247 -4.38 0.97 6.94
N GLN A 248 -3.97 -0.04 7.68
CA GLN A 248 -3.48 0.13 9.02
C GLN A 248 -2.10 0.81 9.15
N LEU A 249 -1.26 0.71 8.13
CA LEU A 249 0.05 1.37 8.17
C LEU A 249 -0.07 2.87 8.18
N ILE A 250 -1.15 3.40 7.59
CA ILE A 250 -1.41 4.85 7.64
C ILE A 250 -2.41 5.22 8.70
N ARG A 251 -3.33 4.32 9.01
CA ARG A 251 -4.33 4.65 10.00
C ARG A 251 -3.76 4.57 11.41
N ASN A 252 -2.91 3.58 11.68
CA ASN A 252 -2.51 3.24 13.03
C ASN A 252 -1.25 2.41 13.06
N PRO A 253 -0.15 2.98 12.60
CA PRO A 253 1.11 2.25 12.67
C PRO A 253 1.60 1.92 14.10
N ARG A 254 1.10 2.60 15.14
CA ARG A 254 1.50 2.26 16.51
C ARG A 254 1.11 0.84 16.99
N GLN A 255 0.17 0.21 16.31
CA GLN A 255 -0.21 -1.17 16.69
C GLN A 255 0.86 -2.21 16.40
N PHE A 256 1.85 -1.83 15.61
CA PHE A 256 2.82 -2.77 15.01
C PHE A 256 4.17 -2.81 15.67
N ASP A 257 4.71 -4.03 15.76
CA ASP A 257 6.06 -4.23 16.25
C ASP A 257 6.82 -4.83 15.10
N VAL A 258 6.48 -6.08 14.79
CA VAL A 258 7.17 -6.77 13.75
C VAL A 258 6.13 -7.25 12.78
N ILE A 259 6.40 -7.05 11.48
CA ILE A 259 5.52 -7.60 10.46
C ILE A 259 6.36 -8.43 9.51
N VAL A 260 5.87 -9.63 9.26
CA VAL A 260 6.59 -10.55 8.42
C VAL A 260 5.65 -10.79 7.27
N THR A 261 6.18 -10.77 6.06
CA THR A 261 5.35 -10.95 4.86
C THR A 261 6.10 -11.53 3.65
N GLU A 262 5.35 -12.03 2.68
CA GLU A 262 5.93 -12.59 1.42
C GLU A 262 6.60 -11.58 0.43
N ASN A 263 7.36 -12.10 -0.54
CA ASN A 263 8.31 -11.25 -1.27
C ASN A 263 7.72 -10.01 -1.88
N MET A 264 6.54 -10.15 -2.47
CA MET A 264 5.96 -9.07 -3.23
C MET A 264 5.37 -8.10 -2.24
N PHE A 265 4.48 -8.61 -1.39
CA PHE A 265 3.80 -7.76 -0.46
C PHE A 265 4.81 -6.91 0.26
N GLY A 266 5.87 -7.53 0.76
CA GLY A 266 6.88 -6.80 1.48
C GLY A 266 7.45 -5.63 0.69
N ASP A 267 7.68 -5.84 -0.60
CA ASP A 267 8.05 -4.73 -1.43
C ASP A 267 7.07 -3.56 -1.30
N ILE A 268 5.80 -3.86 -1.43
CA ILE A 268 4.78 -2.83 -1.40
C ILE A 268 4.64 -2.21 -0.01
N LEU A 269 4.65 -3.02 1.04
CA LEU A 269 4.45 -2.48 2.38
C LEU A 269 5.64 -1.68 2.95
N SER A 270 6.85 -2.18 2.78
CA SER A 270 8.04 -1.37 2.96
C SER A 270 7.87 -0.01 2.32
N ASP A 271 7.76 0.04 1.01
CA ASP A 271 7.66 1.36 0.40
C ASP A 271 6.54 2.23 0.98
N GLU A 272 5.42 1.64 1.37
CA GLU A 272 4.35 2.41 1.99
C GLU A 272 4.76 2.85 3.39
N ALA A 273 5.13 1.90 4.24
CA ALA A 273 5.53 2.24 5.59
C ALA A 273 6.61 3.32 5.59
N SER A 274 7.47 3.31 4.58
CA SER A 274 8.53 4.31 4.47
C SER A 274 8.03 5.77 4.47
N MET A 275 6.78 5.98 4.09
CA MET A 275 6.24 7.33 4.07
C MET A 275 5.93 7.79 5.48
N ILE A 276 5.68 6.85 6.37
CA ILE A 276 5.37 7.23 7.74
C ILE A 276 6.40 8.23 8.25
N THR A 277 7.68 7.98 7.97
CA THR A 277 8.67 8.91 8.46
C THR A 277 8.97 10.11 7.56
N GLY A 278 8.80 9.93 6.27
CA GLY A 278 8.80 11.09 5.42
C GLY A 278 10.02 11.15 4.54
N SER A 279 11.20 11.33 5.09
CA SER A 279 12.36 11.37 4.20
C SER A 279 13.00 10.04 4.15
N LEU A 280 13.05 9.50 2.95
CA LEU A 280 13.71 8.22 2.77
C LEU A 280 15.12 8.32 3.31
N GLY A 281 15.53 9.55 3.62
CA GLY A 281 16.90 9.84 4.02
C GLY A 281 17.20 9.41 5.43
N MET A 282 16.14 9.15 6.18
CA MET A 282 16.32 8.60 7.49
C MET A 282 16.55 7.09 7.46
N LEU A 283 15.90 6.37 6.58
CA LEU A 283 15.74 4.93 6.77
C LEU A 283 16.91 4.01 6.38
N PRO A 284 17.21 3.01 7.23
CA PRO A 284 18.22 1.99 6.93
C PRO A 284 17.59 0.65 6.61
N SER A 285 18.33 -0.22 5.92
CA SER A 285 17.86 -1.59 5.68
C SER A 285 18.98 -2.60 5.75
N ALA A 286 18.64 -3.76 6.27
CA ALA A 286 19.57 -4.88 6.34
C ALA A 286 19.03 -6.02 5.53
N SER A 287 19.92 -6.76 4.88
CA SER A 287 19.48 -8.02 4.32
C SER A 287 20.39 -9.17 4.70
N LEU A 288 19.79 -10.23 5.20
CA LEU A 288 20.56 -11.27 5.88
C LEU A 288 20.50 -12.59 5.17
N SER A 289 21.62 -13.32 5.22
CA SER A 289 21.80 -14.60 4.51
C SER A 289 21.40 -15.78 5.37
N THR A 290 21.12 -16.90 4.71
CA THR A 290 20.78 -18.14 5.38
C THR A 290 21.75 -18.39 6.54
N ASP A 291 23.05 -18.26 6.24
CA ASP A 291 24.17 -18.49 7.17
C ASP A 291 24.65 -17.28 8.01
N GLY A 292 23.95 -16.14 7.92
CA GLY A 292 24.26 -14.99 8.78
C GLY A 292 25.19 -13.89 8.27
N LEU A 293 25.37 -13.86 6.96
CA LEU A 293 26.11 -12.79 6.34
C LEU A 293 25.20 -11.59 6.07
N GLY A 294 25.75 -10.39 6.22
CA GLY A 294 24.93 -9.19 6.14
C GLY A 294 25.26 -8.20 5.05
N LEU A 295 24.22 -7.63 4.47
CA LEU A 295 24.37 -6.52 3.57
C LEU A 295 23.49 -5.39 4.03
N TYR A 296 24.12 -4.24 4.23
CA TYR A 296 23.47 -3.10 4.84
C TYR A 296 23.53 -1.94 3.88
N GLU A 297 22.44 -1.21 3.81
CA GLU A 297 22.30 -0.16 2.84
C GLU A 297 21.16 0.75 3.26
N PRO A 298 21.22 2.02 2.84
CA PRO A 298 20.14 2.98 2.96
C PRO A 298 18.99 2.60 2.03
N VAL A 299 17.75 2.86 2.44
CA VAL A 299 16.62 2.60 1.55
C VAL A 299 16.57 3.58 0.37
N HIS A 300 17.11 4.78 0.55
CA HIS A 300 17.05 5.84 -0.47
C HIS A 300 17.85 5.52 -1.72
N GLY A 301 17.34 5.98 -2.85
CA GLY A 301 17.92 5.74 -4.17
C GLY A 301 19.22 6.48 -4.37
N SER A 302 19.45 6.97 -5.58
CA SER A 302 20.76 7.54 -5.90
C SER A 302 20.75 9.06 -6.06
N ALA A 303 19.54 9.63 -6.13
CA ALA A 303 19.34 11.07 -6.35
C ALA A 303 20.56 11.64 -7.07
N PRO A 304 20.65 11.41 -8.40
CA PRO A 304 21.87 11.72 -9.14
C PRO A 304 22.02 13.19 -9.49
N ASP A 305 20.96 13.98 -9.28
CA ASP A 305 20.98 15.42 -9.51
C ASP A 305 21.89 16.03 -8.47
N ILE A 306 21.73 15.55 -7.25
CA ILE A 306 22.27 16.19 -6.06
C ILE A 306 23.72 15.73 -5.79
N ALA A 307 24.08 14.58 -6.38
CA ALA A 307 25.43 14.03 -6.31
C ALA A 307 26.51 15.04 -6.68
N GLY A 308 27.51 15.18 -5.81
CA GLY A 308 28.65 16.06 -6.06
C GLY A 308 28.56 17.40 -5.35
N LYS A 309 27.33 17.78 -4.94
CA LYS A 309 27.10 19.05 -4.24
C LYS A 309 27.03 18.89 -2.72
N GLY A 310 27.62 17.80 -2.22
CA GLY A 310 27.79 17.53 -0.78
C GLY A 310 26.66 17.81 0.21
N ILE A 311 25.41 17.60 -0.19
CA ILE A 311 24.23 17.93 0.65
C ILE A 311 23.16 16.84 0.83
N ALA A 312 23.55 15.60 0.50
CA ALA A 312 22.72 14.43 0.69
C ALA A 312 22.75 14.08 2.15
N ASN A 313 21.62 13.64 2.66
CA ASN A 313 21.45 13.24 4.04
C ASN A 313 22.12 11.92 4.36
N PRO A 314 23.24 11.95 5.12
CA PRO A 314 24.07 10.81 5.43
C PRO A 314 23.53 9.85 6.47
N LEU A 315 22.37 10.16 7.06
CA LEU A 315 21.99 9.45 8.28
C LEU A 315 21.62 7.99 8.06
N ALA A 316 20.93 7.74 6.95
CA ALA A 316 20.38 6.42 6.64
C ALA A 316 21.50 5.40 6.52
N THR A 317 22.41 5.68 5.61
CA THR A 317 23.63 4.93 5.48
C THR A 317 24.36 4.84 6.81
N ILE A 318 24.40 5.94 7.56
CA ILE A 318 24.99 5.93 8.89
C ILE A 318 24.25 4.91 9.72
N LEU A 319 22.95 5.15 9.91
CA LEU A 319 22.09 4.29 10.71
C LEU A 319 22.17 2.84 10.26
N SER A 320 22.43 2.64 8.97
CA SER A 320 22.65 1.31 8.41
C SER A 320 23.83 0.60 9.05
N ALA A 321 24.95 1.32 9.17
CA ALA A 321 26.16 0.76 9.77
C ALA A 321 25.93 0.40 11.23
N ALA A 322 25.01 1.13 11.86
CA ALA A 322 24.50 0.74 13.17
C ALA A 322 23.90 -0.64 13.04
N MET A 323 23.01 -0.85 12.07
CA MET A 323 22.41 -2.17 11.87
C MET A 323 23.52 -3.22 11.76
N MET A 324 24.47 -2.98 10.86
CA MET A 324 25.57 -3.91 10.65
C MET A 324 26.23 -4.29 11.96
N LEU A 325 26.54 -3.26 12.74
CA LEU A 325 27.08 -3.46 14.07
C LEU A 325 26.24 -4.41 14.91
N ARG A 326 24.94 -4.20 14.96
CA ARG A 326 24.06 -5.07 15.71
C ARG A 326 24.05 -6.51 15.18
N TYR A 327 23.55 -6.69 13.97
CA TYR A 327 23.27 -8.01 13.42
C TYR A 327 24.49 -8.77 12.81
N SER A 328 25.50 -8.09 12.28
CA SER A 328 26.66 -8.84 11.80
C SER A 328 27.68 -9.21 12.90
N PHE A 329 27.73 -8.47 13.99
CA PHE A 329 28.80 -8.65 14.96
C PHE A 329 28.35 -8.63 16.43
N GLY A 330 27.07 -8.57 16.72
CA GLY A 330 26.63 -8.55 18.13
C GLY A 330 27.09 -7.37 18.98
N LEU A 331 27.80 -6.42 18.37
CA LEU A 331 28.29 -5.23 19.08
C LEU A 331 27.16 -4.25 19.35
N GLU A 332 26.30 -4.59 20.29
CA GLU A 332 25.07 -3.84 20.63
C GLU A 332 25.30 -2.42 21.13
N GLU A 333 26.28 -2.26 22.01
CA GLU A 333 26.60 -0.96 22.60
C GLU A 333 27.15 -0.03 21.52
N GLU A 334 28.08 -0.54 20.71
CA GLU A 334 28.63 0.21 19.59
C GLU A 334 27.53 0.62 18.62
N ALA A 335 26.44 -0.12 18.62
CA ALA A 335 25.26 0.25 17.85
C ALA A 335 24.53 1.39 18.54
N LYS A 336 24.08 1.13 19.77
CA LYS A 336 23.27 2.09 20.52
C LYS A 336 24.01 3.41 20.57
N ALA A 337 25.32 3.33 20.55
CA ALA A 337 26.16 4.50 20.53
C ALA A 337 25.79 5.46 19.40
N ILE A 338 25.35 4.93 18.27
CA ILE A 338 25.10 5.76 17.10
C ILE A 338 23.65 6.19 17.10
N GLU A 339 22.78 5.24 17.35
CA GLU A 339 21.37 5.58 17.52
C GLU A 339 21.20 6.69 18.56
N LYS A 340 21.90 6.56 19.69
CA LYS A 340 21.92 7.60 20.71
C LYS A 340 22.49 8.93 20.21
N ALA A 341 23.58 8.86 19.44
CA ALA A 341 24.16 10.06 18.85
C ALA A 341 23.20 10.75 17.90
N VAL A 342 22.96 10.13 16.74
CA VAL A 342 21.98 10.61 15.76
C VAL A 342 20.73 11.17 16.44
N GLU A 343 20.15 10.42 17.38
CA GLU A 343 19.02 10.91 18.18
C GLU A 343 19.19 12.38 18.61
N LYS A 344 20.27 12.68 19.36
CA LYS A 344 20.55 14.03 19.87
C LYS A 344 20.78 15.10 18.79
N VAL A 345 21.67 14.81 17.82
CA VAL A 345 22.01 15.78 16.78
C VAL A 345 20.75 16.34 16.15
N LEU A 346 19.75 15.48 16.01
CA LEU A 346 18.48 15.90 15.48
C LEU A 346 17.67 16.66 16.52
N ALA A 347 17.81 16.27 17.80
CA ALA A 347 17.12 16.96 18.91
C ALA A 347 17.68 18.38 19.11
N GLU A 348 19.00 18.52 18.91
CA GLU A 348 19.63 19.83 18.70
C GLU A 348 18.94 20.71 17.61
N GLY A 349 18.46 20.04 16.57
CA GLY A 349 17.71 20.69 15.50
C GLY A 349 18.57 20.82 14.27
N TYR A 350 19.57 19.96 14.15
CA TYR A 350 20.32 19.88 12.90
C TYR A 350 19.50 19.12 11.86
N ARG A 351 19.44 19.70 10.66
CA ARG A 351 18.74 19.13 9.52
C ARG A 351 19.65 19.19 8.31
N THR A 352 19.55 18.18 7.45
CA THR A 352 20.05 18.31 6.09
C THR A 352 18.86 18.66 5.19
N ALA A 353 19.17 19.11 3.96
CA ALA A 353 18.18 19.54 2.97
C ALA A 353 16.78 18.86 3.09
N ASP A 354 16.78 17.52 3.07
CA ASP A 354 15.57 16.71 2.95
C ASP A 354 14.62 16.76 4.15
N ILE A 355 15.20 16.81 5.36
CA ILE A 355 14.37 16.81 6.57
C ILE A 355 14.15 18.21 7.12
N ALA A 356 14.83 19.19 6.51
CA ALA A 356 14.61 20.61 6.78
C ALA A 356 13.18 21.04 6.47
N LYS A 357 12.57 21.74 7.41
CA LYS A 357 11.33 22.44 7.16
C LYS A 357 11.57 23.38 6.00
N PRO A 358 10.49 23.90 5.41
CA PRO A 358 10.69 24.86 4.31
C PRO A 358 11.10 26.24 4.84
N GLY A 359 12.27 26.69 4.38
CA GLY A 359 12.89 27.90 4.90
C GLY A 359 13.91 27.60 5.99
N GLY A 360 13.62 26.59 6.83
CA GLY A 360 14.53 26.16 7.90
C GLY A 360 15.97 26.03 7.43
N LYS A 361 16.90 26.30 8.35
CA LYS A 361 18.34 26.16 8.08
C LYS A 361 18.73 24.68 8.04
N TYR A 362 19.64 24.36 7.12
CA TYR A 362 20.10 23.00 6.95
C TYR A 362 21.63 22.96 6.77
N VAL A 363 22.23 21.86 7.18
CA VAL A 363 23.68 21.68 7.11
C VAL A 363 24.03 20.83 5.89
N SER A 364 25.34 20.75 5.58
CA SER A 364 25.81 19.91 4.47
C SER A 364 25.95 18.46 4.92
N THR A 365 26.63 17.65 4.13
CA THR A 365 26.83 16.26 4.52
C THR A 365 27.93 16.20 5.58
N THR A 366 29.12 16.73 5.28
CA THR A 366 30.23 16.65 6.26
C THR A 366 29.91 17.39 7.55
N GLU A 367 29.04 18.40 7.48
CA GLU A 367 28.60 19.09 8.68
C GLU A 367 27.89 18.06 9.53
N MET A 368 26.76 17.58 9.01
CA MET A 368 25.98 16.50 9.61
C MET A 368 26.92 15.43 10.16
N THR A 369 27.73 14.88 9.27
CA THR A 369 28.77 13.91 9.59
C THR A 369 29.57 14.32 10.83
N ASP A 370 30.27 15.45 10.74
CA ASP A 370 31.19 15.91 11.79
C ASP A 370 30.45 16.06 13.11
N GLU A 371 29.19 16.49 13.02
CA GLU A 371 28.36 16.70 14.21
C GLU A 371 28.02 15.37 14.86
N VAL A 372 27.68 14.39 14.03
CA VAL A 372 27.37 13.05 14.53
C VAL A 372 28.58 12.46 15.24
N LYS A 373 29.75 12.60 14.62
CA LYS A 373 31.00 12.26 15.28
C LYS A 373 31.01 12.88 16.67
N ALA A 374 30.93 14.22 16.73
CA ALA A 374 30.96 15.01 17.99
C ALA A 374 30.05 14.45 19.08
N ALA A 375 28.82 14.12 18.70
CA ALA A 375 27.84 13.54 19.62
C ALA A 375 28.30 12.24 20.27
N VAL A 376 29.15 11.47 19.58
CA VAL A 376 29.58 10.17 20.09
C VAL A 376 30.70 10.30 21.09
N VAL A 377 31.62 11.22 20.82
CA VAL A 377 32.77 11.48 21.68
C VAL A 377 32.27 12.00 23.02
N ASP A 378 31.25 12.84 22.95
CA ASP A 378 30.66 13.45 24.12
C ASP A 378 29.77 12.49 24.92
N GLU A 379 29.25 11.46 24.25
CA GLU A 379 28.55 10.38 24.95
C GLU A 379 29.48 9.20 25.31
N LEU A 380 30.81 9.44 25.23
CA LEU A 380 31.84 8.44 25.58
C LEU A 380 32.97 9.04 26.43
N ALA A 381 32.60 9.77 27.48
CA ALA A 381 33.52 10.66 28.16
C ALA A 381 34.15 10.15 29.47
N THR A 382 34.76 11.09 30.19
CA THR A 382 35.10 10.96 31.59
C THR A 382 34.16 11.92 32.35
N SER A 383 34.41 13.23 32.20
CA SER A 383 33.56 14.32 32.67
C SER A 383 33.28 14.33 34.17
N ALA A 384 34.34 14.11 34.97
CA ALA A 384 34.34 14.53 36.37
C ALA A 384 34.53 16.06 36.38
N ILE A 385 35.04 16.62 37.48
CA ILE A 385 35.05 18.08 37.71
C ILE A 385 33.72 18.77 37.37
N LYS B 23 -40.29 2.66 -15.39
CA LYS B 23 -40.22 1.17 -15.49
C LYS B 23 -38.83 0.66 -15.95
N LYS B 24 -37.84 0.73 -15.04
CA LYS B 24 -36.47 0.14 -15.23
C LYS B 24 -36.02 -0.63 -13.98
N LYS B 25 -35.70 -1.91 -14.17
CA LYS B 25 -35.57 -2.86 -13.05
C LYS B 25 -34.26 -2.71 -12.29
N ILE B 26 -34.33 -2.86 -10.96
CA ILE B 26 -33.14 -2.82 -10.09
C ILE B 26 -33.05 -3.98 -9.08
N ALA B 27 -31.96 -4.72 -9.16
CA ALA B 27 -31.69 -5.80 -8.24
C ALA B 27 -31.08 -5.24 -6.96
N VAL B 28 -31.71 -5.53 -5.84
CA VAL B 28 -31.34 -4.98 -4.55
C VAL B 28 -30.88 -6.09 -3.60
N LEU B 29 -29.64 -5.98 -3.13
CA LEU B 29 -29.02 -7.04 -2.35
C LEU B 29 -28.45 -6.52 -1.04
N PRO B 30 -29.31 -6.39 0.00
CA PRO B 30 -28.89 -5.84 1.28
C PRO B 30 -27.79 -6.67 1.96
N GLY B 31 -28.13 -7.91 2.31
CA GLY B 31 -27.18 -8.81 2.97
C GLY B 31 -27.31 -8.80 4.47
N ASP B 32 -26.17 -8.73 5.16
CA ASP B 32 -26.15 -8.80 6.62
C ASP B 32 -25.49 -7.58 7.26
N GLY B 33 -25.08 -7.70 8.52
CA GLY B 33 -24.58 -6.58 9.30
C GLY B 33 -25.51 -5.40 9.14
N ILE B 34 -24.93 -4.26 8.81
CA ILE B 34 -25.72 -3.07 8.55
C ILE B 34 -26.14 -2.91 7.09
N GLY B 35 -25.91 -3.95 6.30
CA GLY B 35 -26.31 -3.96 4.90
C GLY B 35 -27.70 -3.39 4.70
N PRO B 36 -28.72 -4.01 5.33
CA PRO B 36 -30.09 -3.56 5.07
C PRO B 36 -30.26 -2.11 5.52
N GLU B 37 -29.82 -1.82 6.75
CA GLU B 37 -29.78 -0.47 7.25
C GLU B 37 -29.37 0.47 6.11
N VAL B 38 -28.09 0.44 5.73
CA VAL B 38 -27.57 1.38 4.73
C VAL B 38 -28.31 1.28 3.42
N MET B 39 -28.57 0.06 2.97
CA MET B 39 -29.33 -0.13 1.76
C MET B 39 -30.61 0.71 1.78
N GLU B 40 -31.49 0.41 2.75
CA GLU B 40 -32.78 1.11 2.92
C GLU B 40 -32.60 2.61 2.85
N ALA B 41 -31.59 3.11 3.54
CA ALA B 41 -31.20 4.50 3.38
C ALA B 41 -31.13 4.83 1.89
N ALA B 42 -30.03 4.44 1.26
CA ALA B 42 -29.80 4.71 -0.16
C ALA B 42 -31.04 4.58 -1.00
N ILE B 43 -31.86 3.58 -0.71
CA ILE B 43 -33.10 3.36 -1.45
C ILE B 43 -33.99 4.59 -1.40
N GLU B 44 -34.30 5.05 -0.20
CA GLU B 44 -35.17 6.21 -0.04
C GLU B 44 -34.71 7.36 -0.92
N VAL B 45 -33.49 7.82 -0.69
CA VAL B 45 -32.92 8.87 -1.52
C VAL B 45 -33.21 8.63 -3.01
N LEU B 46 -32.98 7.42 -3.47
CA LEU B 46 -33.22 7.09 -4.85
C LEU B 46 -34.70 7.32 -5.19
N LYS B 47 -35.58 6.63 -4.45
CA LYS B 47 -37.06 6.73 -4.59
C LYS B 47 -37.56 8.17 -4.72
N ALA B 48 -36.98 9.06 -3.91
CA ALA B 48 -37.27 10.47 -4.00
C ALA B 48 -36.86 11.05 -5.37
N VAL B 49 -35.56 11.06 -5.68
CA VAL B 49 -35.07 11.71 -6.89
C VAL B 49 -35.98 11.44 -8.09
N ALA B 50 -36.33 10.17 -8.27
CA ALA B 50 -37.17 9.73 -9.39
C ALA B 50 -38.49 10.50 -9.47
N GLU B 51 -39.15 10.66 -8.31
CA GLU B 51 -40.41 11.39 -8.22
C GLU B 51 -40.20 12.80 -8.76
N ARG B 52 -39.30 13.53 -8.10
CA ARG B 52 -38.89 14.86 -8.54
C ARG B 52 -38.58 14.86 -10.03
N PHE B 53 -38.16 13.71 -10.56
CA PHE B 53 -37.69 13.66 -11.95
C PHE B 53 -38.59 12.94 -12.92
N GLY B 54 -39.75 12.47 -12.45
CA GLY B 54 -40.72 11.82 -13.32
C GLY B 54 -40.78 10.30 -13.28
N HIS B 55 -39.62 9.65 -13.37
CA HIS B 55 -39.55 8.18 -13.50
C HIS B 55 -39.66 7.41 -12.19
N GLU B 56 -39.73 6.10 -12.34
CA GLU B 56 -39.99 5.19 -11.24
C GLU B 56 -39.21 3.91 -11.50
N PHE B 57 -38.93 3.17 -10.42
CA PHE B 57 -38.05 2.02 -10.47
C PHE B 57 -38.67 0.79 -9.83
N GLU B 58 -38.51 -0.36 -10.46
CA GLU B 58 -38.93 -1.62 -9.87
C GLU B 58 -37.78 -2.25 -9.11
N PHE B 59 -38.05 -2.64 -7.85
CA PHE B 59 -37.03 -3.18 -6.95
C PHE B 59 -37.27 -4.64 -6.54
N GLU B 60 -36.54 -5.57 -7.15
CA GLU B 60 -36.61 -6.97 -6.74
C GLU B 60 -35.57 -7.17 -5.65
N TYR B 61 -35.98 -7.77 -4.53
CA TYR B 61 -35.09 -7.98 -3.38
C TYR B 61 -34.51 -9.39 -3.37
N GLY B 62 -33.25 -9.52 -3.00
CA GLY B 62 -32.57 -10.80 -3.05
C GLY B 62 -31.75 -11.11 -1.82
N LEU B 63 -31.60 -12.41 -1.53
CA LEU B 63 -30.77 -12.88 -0.44
C LEU B 63 -29.34 -13.07 -0.94
N ILE B 64 -28.39 -12.71 -0.11
CA ILE B 64 -26.96 -12.79 -0.44
C ILE B 64 -26.21 -12.90 0.88
N GLY B 65 -25.00 -13.46 0.84
CA GLY B 65 -24.16 -13.64 2.04
C GLY B 65 -24.79 -14.52 3.13
N GLY B 66 -24.57 -14.13 4.39
CA GLY B 66 -25.13 -14.87 5.52
C GLY B 66 -26.64 -15.07 5.43
N ALA B 67 -27.35 -14.06 4.96
CA ALA B 67 -28.80 -14.11 4.76
C ALA B 67 -29.24 -15.07 3.64
N ALA B 68 -28.28 -15.59 2.89
CA ALA B 68 -28.56 -16.59 1.86
C ALA B 68 -28.17 -17.99 2.34
N ILE B 69 -27.13 -18.04 3.17
CA ILE B 69 -26.70 -19.26 3.84
C ILE B 69 -27.81 -19.72 4.79
N ASP B 70 -28.34 -18.76 5.55
CA ASP B 70 -29.42 -19.03 6.48
C ASP B 70 -30.71 -19.34 5.71
N GLU B 71 -31.29 -18.33 5.06
CA GLU B 71 -32.67 -18.42 4.57
C GLU B 71 -32.95 -19.34 3.36
N ALA B 72 -31.92 -20.00 2.80
CA ALA B 72 -32.13 -20.92 1.67
C ALA B 72 -30.93 -21.81 1.26
N GLY B 73 -29.94 -21.92 2.13
CA GLY B 73 -28.87 -22.89 1.91
C GLY B 73 -27.54 -22.35 1.46
N THR B 74 -27.45 -21.96 0.19
CA THR B 74 -26.17 -21.53 -0.43
C THR B 74 -25.88 -20.02 -0.28
N PRO B 75 -24.60 -19.65 -0.02
CA PRO B 75 -24.17 -18.24 0.14
C PRO B 75 -24.58 -17.34 -1.02
N LEU B 76 -24.80 -17.94 -2.19
CA LEU B 76 -25.26 -17.22 -3.37
C LEU B 76 -26.22 -18.08 -4.19
N PRO B 77 -27.51 -18.06 -3.84
CA PRO B 77 -28.47 -18.90 -4.56
C PRO B 77 -28.44 -18.56 -6.04
N GLU B 78 -28.62 -19.58 -6.88
CA GLU B 78 -28.72 -19.35 -8.31
C GLU B 78 -29.94 -18.47 -8.57
N GLU B 79 -31.02 -18.72 -7.85
CA GLU B 79 -32.24 -17.92 -7.98
C GLU B 79 -31.92 -16.41 -8.05
N THR B 80 -31.13 -15.92 -7.09
CA THR B 80 -30.78 -14.49 -7.08
C THR B 80 -29.91 -14.20 -8.30
N LEU B 81 -28.77 -14.87 -8.43
CA LEU B 81 -27.93 -14.71 -9.61
C LEU B 81 -28.78 -14.48 -10.86
N ASP B 82 -29.85 -15.26 -11.01
CA ASP B 82 -30.80 -15.14 -12.13
C ASP B 82 -31.48 -13.78 -12.19
N VAL B 83 -31.74 -13.20 -11.02
CA VAL B 83 -32.48 -11.96 -10.95
C VAL B 83 -31.57 -10.78 -11.28
N CYS B 84 -30.30 -10.91 -10.90
CA CYS B 84 -29.33 -9.89 -11.22
C CYS B 84 -29.14 -9.85 -12.70
N ARG B 85 -29.30 -11.02 -13.32
CA ARG B 85 -29.17 -11.16 -14.76
C ARG B 85 -30.33 -10.51 -15.50
N GLY B 86 -31.53 -10.61 -14.94
CA GLY B 86 -32.72 -10.01 -15.56
C GLY B 86 -33.01 -8.56 -15.18
N SER B 87 -32.03 -7.90 -14.57
CA SER B 87 -32.20 -6.52 -14.15
C SER B 87 -31.37 -5.56 -15.00
N ASP B 88 -31.42 -4.27 -14.67
CA ASP B 88 -30.65 -3.22 -15.35
C ASP B 88 -29.48 -2.71 -14.50
N ALA B 89 -29.57 -2.92 -13.19
CA ALA B 89 -28.47 -2.65 -12.25
C ALA B 89 -28.67 -3.28 -10.86
N ILE B 90 -27.55 -3.49 -10.17
CA ILE B 90 -27.55 -4.14 -8.88
C ILE B 90 -26.99 -3.20 -7.84
N LEU B 91 -27.68 -3.13 -6.72
CA LEU B 91 -27.16 -2.48 -5.54
C LEU B 91 -27.03 -3.53 -4.47
N LEU B 92 -25.85 -3.56 -3.86
CA LEU B 92 -25.50 -4.52 -2.81
C LEU B 92 -25.11 -3.73 -1.56
N GLY B 93 -25.40 -4.29 -0.39
CA GLY B 93 -25.01 -3.65 0.85
C GLY B 93 -23.65 -4.14 1.28
N ALA B 94 -23.66 -5.09 2.20
CA ALA B 94 -22.44 -5.73 2.68
C ALA B 94 -22.66 -7.16 3.18
N VAL B 95 -21.56 -7.89 3.35
CA VAL B 95 -21.59 -9.26 3.85
C VAL B 95 -20.53 -9.52 4.94
N GLY B 96 -20.74 -10.59 5.71
CA GLY B 96 -19.79 -11.01 6.76
C GLY B 96 -20.41 -10.93 8.14
N GLY B 97 -19.81 -11.64 9.10
CA GLY B 97 -20.26 -11.62 10.51
C GLY B 97 -19.78 -12.83 11.30
N PRO B 98 -19.57 -12.67 12.63
CA PRO B 98 -19.14 -13.76 13.55
C PRO B 98 -19.83 -15.13 13.34
N LYS B 99 -21.16 -15.11 13.14
CA LYS B 99 -21.99 -16.32 12.88
C LYS B 99 -21.41 -17.29 11.83
N TRP B 100 -20.77 -16.74 10.81
CA TRP B 100 -20.09 -17.55 9.80
C TRP B 100 -18.61 -17.18 9.70
N ASP B 101 -18.07 -16.50 10.73
CA ASP B 101 -16.61 -16.35 10.86
C ASP B 101 -16.05 -17.70 11.34
N GLN B 102 -16.68 -18.26 12.37
CA GLN B 102 -16.58 -19.71 12.68
C GLN B 102 -17.75 -20.44 12.00
N ASN B 103 -17.58 -21.75 11.81
CA ASN B 103 -18.40 -22.54 10.86
C ASN B 103 -18.36 -21.92 9.45
N PRO B 104 -17.14 -21.82 8.87
CA PRO B 104 -16.97 -21.27 7.53
C PRO B 104 -17.04 -22.33 6.44
N SER B 105 -16.14 -23.32 6.56
CA SER B 105 -15.85 -24.31 5.52
C SER B 105 -14.96 -23.76 4.40
N GLU B 106 -14.70 -22.44 4.42
CA GLU B 106 -14.07 -21.71 3.29
C GLU B 106 -14.81 -22.01 1.98
N LEU B 107 -16.03 -22.57 2.14
CA LEU B 107 -16.92 -22.93 1.05
C LEU B 107 -18.15 -22.06 1.14
N ARG B 108 -18.33 -21.42 2.29
CA ARG B 108 -19.46 -20.51 2.51
C ARG B 108 -19.30 -19.41 3.61
N PRO B 109 -18.08 -18.82 3.79
CA PRO B 109 -17.94 -17.75 4.80
C PRO B 109 -18.49 -16.36 4.42
N GLU B 110 -19.66 -16.35 3.76
CA GLU B 110 -20.33 -15.13 3.29
C GLU B 110 -19.50 -14.38 2.26
N LYS B 111 -18.62 -15.10 1.55
CA LYS B 111 -17.90 -14.55 0.39
C LYS B 111 -18.35 -15.24 -0.91
N GLY B 112 -19.62 -15.03 -1.26
CA GLY B 112 -20.13 -15.27 -2.61
C GLY B 112 -20.10 -13.93 -3.30
N LEU B 113 -19.36 -13.00 -2.70
CA LEU B 113 -19.07 -11.71 -3.28
C LEU B 113 -18.25 -11.96 -4.54
N LEU B 114 -17.31 -12.90 -4.47
CA LEU B 114 -16.62 -13.42 -5.65
C LEU B 114 -17.61 -14.16 -6.57
N GLY B 115 -18.52 -14.93 -5.97
CA GLY B 115 -19.55 -15.65 -6.72
C GLY B 115 -20.35 -14.73 -7.64
N ILE B 116 -20.36 -13.44 -7.31
CA ILE B 116 -20.97 -12.41 -8.14
C ILE B 116 -20.00 -11.87 -9.20
N ARG B 117 -18.73 -11.70 -8.84
CA ARG B 117 -17.68 -11.20 -9.77
C ARG B 117 -17.65 -12.02 -11.05
N LYS B 118 -17.38 -13.32 -10.90
CA LYS B 118 -17.42 -14.30 -12.01
C LYS B 118 -18.83 -14.53 -12.54
N GLY B 119 -19.81 -14.58 -11.64
CA GLY B 119 -21.22 -14.78 -11.95
C GLY B 119 -21.69 -13.99 -13.16
N LEU B 120 -21.55 -12.67 -13.10
CA LEU B 120 -21.98 -11.82 -14.22
C LEU B 120 -20.79 -11.12 -14.86
N ASP B 121 -19.68 -11.85 -14.86
CA ASP B 121 -18.48 -11.47 -15.61
C ASP B 121 -18.11 -10.01 -15.45
N LEU B 122 -18.01 -9.61 -14.19
CA LEU B 122 -17.58 -8.27 -13.85
C LEU B 122 -16.13 -8.24 -14.10
N PHE B 123 -15.67 -7.20 -14.76
CA PHE B 123 -14.26 -7.08 -14.99
C PHE B 123 -13.73 -5.81 -14.39
N ALA B 124 -14.53 -4.75 -14.41
CA ALA B 124 -14.07 -3.41 -14.02
C ALA B 124 -14.60 -3.02 -12.68
N ASN B 125 -13.65 -2.76 -11.78
CA ASN B 125 -13.93 -2.18 -10.48
C ASN B 125 -13.46 -0.76 -10.42
N LEU B 126 -14.39 0.12 -10.05
CA LEU B 126 -14.12 1.54 -9.90
C LEU B 126 -14.31 1.99 -8.46
N ARG B 127 -13.26 2.55 -7.87
CA ARG B 127 -13.31 3.07 -6.50
C ARG B 127 -12.82 4.52 -6.55
N PRO B 128 -13.75 5.47 -6.65
CA PRO B 128 -13.43 6.88 -6.77
C PRO B 128 -13.00 7.49 -5.45
N VAL B 129 -12.01 8.36 -5.46
CA VAL B 129 -11.66 9.04 -4.21
C VAL B 129 -11.56 10.54 -4.39
N LYS B 130 -12.62 11.27 -4.02
CA LYS B 130 -12.58 12.73 -4.00
C LYS B 130 -13.05 13.32 -2.66
N VAL B 131 -12.12 14.00 -2.01
CA VAL B 131 -12.25 14.46 -0.64
C VAL B 131 -13.08 15.75 -0.51
N TYR B 132 -14.17 15.68 0.25
CA TYR B 132 -14.95 16.86 0.56
C TYR B 132 -14.17 17.73 1.50
N ASP B 133 -14.11 19.04 1.20
CA ASP B 133 -13.37 20.02 2.03
C ASP B 133 -13.87 20.02 3.46
N SER B 134 -15.18 19.83 3.65
CA SER B 134 -15.75 19.56 4.97
C SER B 134 -14.86 18.58 5.72
N LEU B 135 -14.28 17.62 4.99
CA LEU B 135 -13.57 16.53 5.61
C LEU B 135 -12.07 16.47 5.39
N ALA B 136 -11.48 17.56 4.91
CA ALA B 136 -10.03 17.55 4.73
C ALA B 136 -9.26 17.31 6.04
N ASP B 137 -9.98 17.35 7.16
CA ASP B 137 -9.36 17.05 8.44
C ASP B 137 -10.01 15.83 9.08
N ALA B 138 -10.69 15.05 8.29
CA ALA B 138 -11.23 13.79 8.78
C ALA B 138 -10.29 12.61 8.55
N SER B 139 -9.13 12.84 7.91
CA SER B 139 -8.25 11.75 7.54
C SER B 139 -7.03 11.65 8.40
N PRO B 140 -6.50 10.43 8.58
CA PRO B 140 -5.12 10.16 9.03
C PRO B 140 -4.02 10.97 8.34
N LEU B 141 -4.27 11.41 7.11
CA LEU B 141 -3.30 12.26 6.43
C LEU B 141 -3.59 13.73 6.73
N LYS B 142 -2.51 14.52 6.71
CA LYS B 142 -2.58 15.95 6.95
C LYS B 142 -3.50 16.59 5.92
N LYS B 143 -4.17 17.67 6.35
CA LYS B 143 -5.12 18.39 5.50
C LYS B 143 -4.46 18.96 4.25
N GLU B 144 -3.29 19.55 4.41
CA GLU B 144 -2.53 20.06 3.28
C GLU B 144 -2.51 19.07 2.12
N VAL B 145 -2.27 17.79 2.43
CA VAL B 145 -1.97 16.78 1.41
C VAL B 145 -3.23 16.26 0.70
N ILE B 146 -4.34 16.24 1.43
CA ILE B 146 -5.48 15.52 0.94
C ILE B 146 -6.55 16.39 0.37
N GLU B 147 -6.37 17.71 0.41
CA GLU B 147 -7.50 18.60 0.11
C GLU B 147 -7.94 18.59 -1.36
N GLY B 148 -6.99 18.66 -2.27
CA GLY B 148 -7.34 18.65 -3.68
C GLY B 148 -7.87 17.33 -4.26
N VAL B 149 -7.41 16.20 -3.69
CA VAL B 149 -7.52 14.90 -4.38
C VAL B 149 -8.93 14.53 -4.90
N ASP B 150 -8.91 14.00 -6.11
CA ASP B 150 -10.09 13.49 -6.76
C ASP B 150 -9.57 12.50 -7.80
N LEU B 151 -9.63 11.21 -7.45
CA LEU B 151 -9.02 10.16 -8.28
C LEU B 151 -9.77 8.86 -8.32
N VAL B 152 -9.65 8.15 -9.43
CA VAL B 152 -10.22 6.83 -9.52
C VAL B 152 -9.16 5.78 -9.78
N ILE B 153 -9.23 4.74 -8.95
CA ILE B 153 -8.48 3.51 -9.15
C ILE B 153 -9.43 2.56 -9.83
N VAL B 154 -8.99 2.10 -10.99
CA VAL B 154 -9.75 1.21 -11.86
C VAL B 154 -9.06 -0.11 -11.71
N ARG B 155 -9.81 -1.15 -11.40
CA ARG B 155 -9.19 -2.43 -11.03
C ARG B 155 -9.70 -3.55 -11.89
N GLU B 156 -8.78 -4.31 -12.48
CA GLU B 156 -9.09 -5.50 -13.30
C GLU B 156 -9.54 -6.65 -12.43
N LEU B 157 -10.71 -7.21 -12.71
CA LEU B 157 -11.33 -8.19 -11.81
C LEU B 157 -11.27 -9.64 -12.20
N THR B 158 -11.06 -9.91 -13.48
CA THR B 158 -11.09 -11.28 -13.94
C THR B 158 -9.72 -11.99 -13.93
N GLY B 159 -8.67 -11.33 -14.39
CA GLY B 159 -7.36 -12.00 -14.55
C GLY B 159 -6.49 -12.00 -13.31
N GLY B 160 -5.18 -12.03 -13.54
CA GLY B 160 -4.22 -12.07 -12.46
C GLY B 160 -4.31 -13.28 -11.53
N LEU B 161 -3.78 -13.09 -10.31
CA LEU B 161 -3.82 -14.10 -9.28
C LEU B 161 -5.21 -14.70 -9.02
N TYR B 162 -5.20 -15.94 -8.54
CA TYR B 162 -6.41 -16.77 -8.29
C TYR B 162 -7.07 -17.30 -9.58
N GLU B 171 -5.21 -28.52 1.93
CA GLU B 171 -4.31 -29.67 1.98
C GLU B 171 -3.08 -29.42 2.89
N GLU B 172 -3.33 -29.36 4.21
CA GLU B 172 -2.28 -29.11 5.22
C GLU B 172 -1.19 -30.20 5.21
N GLY B 173 0.04 -29.83 5.59
CA GLY B 173 1.16 -30.75 5.55
C GLY B 173 2.04 -30.63 4.31
N GLU B 174 1.49 -30.10 3.23
CA GLU B 174 2.20 -29.93 1.93
C GLU B 174 3.62 -29.32 2.09
N GLU B 175 4.51 -29.55 1.13
CA GLU B 175 5.87 -29.05 1.28
C GLU B 175 6.16 -27.81 0.46
N ALA B 176 5.21 -27.43 -0.40
CA ALA B 176 5.37 -26.28 -1.28
C ALA B 176 4.01 -25.80 -1.78
N ALA B 177 4.00 -24.59 -2.34
CA ALA B 177 2.79 -23.97 -2.87
C ALA B 177 3.09 -23.16 -4.14
N VAL B 178 2.12 -23.13 -5.06
CA VAL B 178 2.23 -22.33 -6.26
C VAL B 178 1.00 -21.52 -6.56
N ASP B 179 1.21 -20.30 -7.02
CA ASP B 179 0.13 -19.55 -7.58
C ASP B 179 0.52 -19.10 -8.97
N THR B 180 -0.42 -19.27 -9.89
CA THR B 180 -0.27 -18.78 -11.24
C THR B 180 -0.93 -17.40 -11.36
N LEU B 181 -0.25 -16.48 -12.02
CA LEU B 181 -0.83 -15.19 -12.33
C LEU B 181 -1.04 -15.21 -13.83
N LEU B 182 -2.32 -15.28 -14.24
CA LEU B 182 -2.67 -15.36 -15.65
C LEU B 182 -3.33 -14.08 -16.21
N TYR B 183 -2.73 -13.50 -17.26
CA TYR B 183 -3.37 -12.42 -18.01
C TYR B 183 -3.43 -12.69 -19.52
N THR B 184 -4.60 -12.44 -20.10
CA THR B 184 -4.80 -12.53 -21.54
C THR B 184 -4.89 -11.12 -22.05
N ARG B 185 -4.39 -10.94 -23.26
CA ARG B 185 -4.40 -9.63 -23.92
C ARG B 185 -5.78 -8.98 -23.93
N GLU B 186 -6.82 -9.77 -24.20
CA GLU B 186 -8.20 -9.29 -24.16
C GLU B 186 -8.51 -8.63 -22.81
N GLU B 187 -8.50 -9.40 -21.73
CA GLU B 187 -8.67 -8.90 -20.34
C GLU B 187 -8.05 -7.56 -20.07
N ILE B 188 -6.83 -7.38 -20.55
CA ILE B 188 -6.11 -6.15 -20.39
C ILE B 188 -6.61 -5.05 -21.32
N GLU B 189 -6.69 -5.30 -22.62
CA GLU B 189 -7.25 -4.32 -23.55
C GLU B 189 -8.50 -3.72 -22.96
N ARG B 190 -9.42 -4.59 -22.60
CA ARG B 190 -10.71 -4.22 -22.06
C ARG B 190 -10.54 -3.25 -20.89
N ILE B 191 -9.77 -3.64 -19.88
CA ILE B 191 -9.58 -2.79 -18.71
C ILE B 191 -8.84 -1.49 -18.98
N ILE B 192 -7.76 -1.51 -19.79
CA ILE B 192 -7.11 -0.24 -20.09
C ILE B 192 -8.00 0.71 -20.94
N ARG B 193 -8.89 0.14 -21.73
CA ARG B 193 -9.91 0.93 -22.43
C ARG B 193 -10.82 1.70 -21.48
N LYS B 194 -11.58 1.03 -20.62
CA LYS B 194 -12.56 1.73 -19.76
C LYS B 194 -11.82 2.80 -18.96
N ALA B 195 -10.51 2.62 -18.79
CA ALA B 195 -9.68 3.58 -18.08
C ALA B 195 -9.50 4.87 -18.86
N PHE B 196 -9.25 4.75 -20.14
CA PHE B 196 -9.11 5.96 -20.91
C PHE B 196 -10.48 6.58 -21.08
N GLU B 197 -11.47 5.76 -21.45
CA GLU B 197 -12.85 6.24 -21.56
C GLU B 197 -13.21 7.15 -20.38
N LEU B 198 -12.92 6.67 -19.17
CA LEU B 198 -13.06 7.48 -18.00
C LEU B 198 -12.20 8.74 -17.91
N ALA B 199 -10.89 8.63 -18.16
CA ALA B 199 -10.00 9.80 -18.08
C ALA B 199 -10.47 11.00 -18.88
N LEU B 200 -11.01 10.70 -20.06
CA LEU B 200 -11.64 11.67 -20.92
C LEU B 200 -12.72 12.48 -20.21
N THR B 201 -13.60 11.81 -19.46
CA THR B 201 -14.69 12.51 -18.78
C THR B 201 -14.19 13.24 -17.51
N ARG B 202 -12.93 12.97 -17.16
CA ARG B 202 -12.29 13.61 -16.00
C ARG B 202 -11.12 14.50 -16.44
N LYS B 203 -9.89 14.23 -15.98
CA LYS B 203 -8.77 15.20 -16.11
C LYS B 203 -7.77 14.75 -17.16
N LYS B 204 -8.21 13.81 -17.99
CA LYS B 204 -7.44 13.24 -19.11
C LYS B 204 -6.04 12.73 -18.72
N LYS B 205 -5.91 12.20 -17.50
CA LYS B 205 -4.67 11.53 -17.07
C LYS B 205 -4.92 10.05 -16.70
N VAL B 206 -3.98 9.19 -17.09
CA VAL B 206 -4.05 7.77 -16.73
C VAL B 206 -2.69 7.34 -16.25
N THR B 207 -2.70 6.77 -15.06
CA THR B 207 -1.50 6.26 -14.48
C THR B 207 -1.65 4.75 -14.53
N SER B 208 -0.75 4.11 -15.29
CA SER B 208 -0.83 2.66 -15.43
C SER B 208 0.12 2.07 -14.43
N VAL B 209 -0.38 1.23 -13.54
CA VAL B 209 0.46 0.73 -12.45
C VAL B 209 0.80 -0.76 -12.53
N ASP B 210 2.09 -1.03 -12.75
CA ASP B 210 2.61 -2.38 -12.99
C ASP B 210 3.89 -2.71 -12.21
N LYS B 211 4.43 -3.91 -12.47
CA LYS B 211 5.78 -4.29 -12.04
C LYS B 211 6.69 -4.68 -13.21
N ALA B 212 6.63 -3.91 -14.28
CA ALA B 212 7.31 -4.25 -15.53
C ALA B 212 8.80 -4.59 -15.40
N ASN B 213 9.39 -4.35 -14.25
CA ASN B 213 10.80 -4.68 -14.09
C ASN B 213 11.04 -6.06 -13.46
N VAL B 214 9.94 -6.74 -13.08
CA VAL B 214 10.09 -8.11 -12.61
C VAL B 214 8.99 -9.02 -13.08
N LEU B 215 7.84 -8.49 -13.42
CA LEU B 215 6.74 -9.36 -13.75
C LEU B 215 6.55 -9.53 -15.22
N GLU B 216 6.22 -10.75 -15.62
CA GLU B 216 5.93 -11.04 -17.02
C GLU B 216 4.61 -10.42 -17.34
N SER B 217 3.61 -10.61 -16.48
CA SER B 217 2.26 -10.13 -16.78
C SER B 217 2.25 -8.62 -16.94
N SER B 218 3.26 -7.98 -16.36
CA SER B 218 3.34 -6.53 -16.39
C SER B 218 4.02 -6.03 -17.64
N ARG B 219 5.06 -6.73 -18.10
CA ARG B 219 5.71 -6.41 -19.38
C ARG B 219 4.65 -6.35 -20.48
N LEU B 220 3.75 -7.34 -20.46
CA LEU B 220 2.56 -7.35 -21.31
C LEU B 220 1.62 -6.23 -20.99
N TRP B 221 1.45 -5.94 -19.69
CA TRP B 221 0.49 -4.92 -19.28
C TRP B 221 0.85 -3.60 -19.95
N ARG B 222 2.08 -3.15 -19.70
CA ARG B 222 2.59 -1.92 -20.26
C ARG B 222 2.31 -1.91 -21.77
N GLU B 223 2.79 -2.94 -22.48
CA GLU B 223 2.63 -3.03 -23.93
C GLU B 223 1.22 -2.66 -24.32
N VAL B 224 0.22 -3.21 -23.63
CA VAL B 224 -1.16 -2.90 -24.03
C VAL B 224 -1.51 -1.46 -23.73
N ALA B 225 -1.08 -0.93 -22.61
CA ALA B 225 -1.41 0.46 -22.38
C ALA B 225 -0.75 1.41 -23.42
N GLU B 226 0.54 1.22 -23.75
CA GLU B 226 1.21 2.03 -24.80
C GLU B 226 0.38 2.02 -26.07
N GLU B 227 -0.05 0.82 -26.43
CA GLU B 227 -0.77 0.56 -27.65
C GLU B 227 -2.17 1.16 -27.61
N VAL B 228 -2.82 1.18 -26.44
CA VAL B 228 -4.16 1.81 -26.37
C VAL B 228 -4.04 3.35 -26.32
N ALA B 229 -2.99 3.83 -25.67
CA ALA B 229 -2.79 5.26 -25.51
C ALA B 229 -2.71 5.99 -26.86
N LYS B 230 -2.13 5.33 -27.87
CA LYS B 230 -2.07 5.84 -29.23
C LYS B 230 -3.45 6.19 -29.73
N GLU B 231 -4.45 5.40 -29.32
CA GLU B 231 -5.83 5.69 -29.67
C GLU B 231 -6.41 6.91 -28.93
N TYR B 232 -5.68 7.49 -27.97
CA TYR B 232 -6.15 8.67 -27.22
C TYR B 232 -5.05 9.75 -27.03
N PRO B 233 -4.68 10.48 -28.12
CA PRO B 233 -3.44 11.31 -28.01
C PRO B 233 -3.69 12.54 -27.16
N ASP B 234 -4.95 12.74 -26.81
CA ASP B 234 -5.35 13.85 -25.94
C ASP B 234 -5.54 13.43 -24.47
N VAL B 235 -5.00 12.25 -24.11
CA VAL B 235 -4.93 11.77 -22.71
C VAL B 235 -3.49 11.40 -22.37
N GLU B 236 -3.02 11.86 -21.21
CA GLU B 236 -1.65 11.59 -20.78
C GLU B 236 -1.51 10.15 -20.32
N LEU B 237 -0.49 9.46 -20.82
CA LEU B 237 -0.17 8.16 -20.27
C LEU B 237 1.10 8.20 -19.42
N GLU B 238 1.00 7.79 -18.15
CA GLU B 238 2.22 7.51 -17.40
C GLU B 238 2.29 6.09 -16.81
N HIS B 239 3.51 5.57 -16.73
CA HIS B 239 3.73 4.26 -16.18
C HIS B 239 4.31 4.41 -14.82
N MET B 240 3.75 3.68 -13.87
CA MET B 240 4.26 3.75 -12.53
C MET B 240 4.29 2.39 -11.86
N LEU B 241 5.47 2.06 -11.34
CA LEU B 241 5.67 0.86 -10.56
C LEU B 241 4.80 0.88 -9.31
N VAL B 242 4.30 -0.29 -8.93
CA VAL B 242 3.38 -0.40 -7.81
C VAL B 242 3.99 0.07 -6.49
N ASP B 243 5.21 -0.34 -6.19
CA ASP B 243 5.81 0.09 -4.93
C ASP B 243 5.85 1.61 -4.83
N ASN B 244 6.23 2.26 -5.92
CA ASN B 244 6.12 3.72 -5.99
C ASN B 244 4.73 4.22 -5.67
N ALA B 245 3.81 3.89 -6.57
CA ALA B 245 2.38 4.13 -6.40
C ALA B 245 1.91 4.13 -4.94
N ALA B 246 2.33 3.13 -4.17
CA ALA B 246 1.97 3.05 -2.77
C ALA B 246 2.54 4.25 -2.04
N MET B 247 3.76 4.63 -2.38
CA MET B 247 4.30 5.83 -1.81
C MET B 247 3.51 7.00 -2.33
N GLN B 248 3.46 7.18 -3.64
CA GLN B 248 2.88 8.41 -4.18
C GLN B 248 1.49 8.71 -3.67
N LEU B 249 0.68 7.68 -3.44
CA LEU B 249 -0.69 7.87 -2.93
C LEU B 249 -0.79 8.62 -1.61
N ILE B 250 0.25 8.59 -0.80
CA ILE B 250 0.27 9.33 0.45
C ILE B 250 1.16 10.56 0.45
N ARG B 251 2.25 10.56 -0.32
CA ARG B 251 3.02 11.80 -0.46
C ARG B 251 2.38 12.88 -1.36
N ASN B 252 1.53 12.50 -2.31
CA ASN B 252 1.08 13.46 -3.31
C ASN B 252 -0.07 12.94 -4.19
N PRO B 253 -1.13 12.49 -3.53
CA PRO B 253 -2.36 11.96 -4.12
C PRO B 253 -3.02 12.92 -5.10
N ARG B 254 -2.79 14.20 -4.96
CA ARG B 254 -3.33 15.11 -5.94
C ARG B 254 -2.83 14.80 -7.36
N GLN B 255 -1.64 14.21 -7.50
CA GLN B 255 -1.14 13.97 -8.87
C GLN B 255 -2.07 13.05 -9.69
N PHE B 256 -2.89 12.27 -9.01
CA PHE B 256 -3.58 11.21 -9.68
C PHE B 256 -4.91 11.67 -10.19
N ASP B 257 -5.25 11.22 -11.39
CA ASP B 257 -6.60 11.33 -11.89
C ASP B 257 -7.14 9.90 -11.97
N VAL B 258 -6.77 9.19 -13.03
CA VAL B 258 -7.15 7.81 -13.17
C VAL B 258 -5.94 6.90 -12.97
N ILE B 259 -6.15 5.89 -12.13
CA ILE B 259 -5.17 4.85 -11.93
C ILE B 259 -5.76 3.57 -12.49
N VAL B 260 -5.02 2.92 -13.36
CA VAL B 260 -5.47 1.63 -13.84
C VAL B 260 -4.41 0.56 -13.49
N THR B 261 -4.89 -0.57 -12.98
CA THR B 261 -3.97 -1.57 -12.49
C THR B 261 -4.54 -2.99 -12.45
N GLU B 262 -3.70 -3.95 -12.08
CA GLU B 262 -4.11 -5.34 -12.06
C GLU B 262 -4.83 -5.82 -10.76
N ASN B 263 -5.46 -6.99 -10.85
CA ASN B 263 -6.33 -7.53 -9.81
C ASN B 263 -5.85 -7.32 -8.36
N MET B 264 -4.64 -7.80 -8.06
CA MET B 264 -4.05 -7.76 -6.71
C MET B 264 -3.56 -6.36 -6.32
N PHE B 265 -2.61 -5.84 -7.10
CA PHE B 265 -2.21 -4.46 -6.95
C PHE B 265 -3.45 -3.61 -6.72
N GLY B 266 -4.42 -3.71 -7.61
CA GLY B 266 -5.59 -2.85 -7.53
C GLY B 266 -6.36 -3.01 -6.23
N ASP B 267 -6.37 -4.22 -5.70
CA ASP B 267 -6.95 -4.48 -4.41
C ASP B 267 -6.15 -3.79 -3.29
N ILE B 268 -4.84 -3.91 -3.32
CA ILE B 268 -4.04 -3.28 -2.29
C ILE B 268 -4.18 -1.77 -2.41
N LEU B 269 -4.12 -1.24 -3.63
CA LEU B 269 -3.99 0.20 -3.80
C LEU B 269 -5.29 0.93 -3.50
N SER B 270 -6.39 0.47 -4.09
CA SER B 270 -7.74 0.71 -3.52
C SER B 270 -7.71 0.88 -2.03
N ASP B 271 -7.38 -0.20 -1.31
CA ASP B 271 -7.47 -0.14 0.15
C ASP B 271 -6.57 0.94 0.80
N GLU B 272 -5.34 1.10 0.31
CA GLU B 272 -4.46 2.14 0.81
C GLU B 272 -5.06 3.51 0.55
N ALA B 273 -5.50 3.73 -0.67
CA ALA B 273 -5.97 5.06 -1.01
C ALA B 273 -7.32 5.36 -0.35
N SER B 274 -8.08 4.35 0.03
CA SER B 274 -9.30 4.59 0.82
C SER B 274 -9.06 5.47 2.06
N MET B 275 -7.95 5.20 2.75
CA MET B 275 -7.59 5.99 3.89
C MET B 275 -7.44 7.46 3.54
N ILE B 276 -7.15 7.82 2.29
CA ILE B 276 -6.97 9.25 2.08
C ILE B 276 -8.19 10.07 2.33
N THR B 277 -9.38 9.55 2.05
CA THR B 277 -10.57 10.27 2.48
C THR B 277 -10.68 10.17 3.98
N GLY B 278 -10.37 9.00 4.53
CA GLY B 278 -10.30 8.84 5.98
C GLY B 278 -11.14 7.68 6.46
N SER B 279 -12.46 7.79 6.33
CA SER B 279 -13.34 6.73 6.78
C SER B 279 -13.96 6.05 5.58
N LEU B 280 -14.26 4.77 5.71
CA LEU B 280 -14.78 3.99 4.60
C LEU B 280 -16.23 4.26 4.36
N GLY B 281 -16.90 4.74 5.40
CA GLY B 281 -18.32 5.05 5.33
C GLY B 281 -18.61 6.12 4.30
N MET B 282 -17.55 6.77 3.83
CA MET B 282 -17.67 7.82 2.82
C MET B 282 -17.53 7.31 1.41
N LEU B 283 -17.46 6.00 1.20
CA LEU B 283 -16.93 5.58 -0.10
C LEU B 283 -17.78 4.60 -0.95
N PRO B 284 -18.08 4.98 -2.21
CA PRO B 284 -18.84 4.12 -3.08
C PRO B 284 -17.93 3.35 -4.00
N SER B 285 -18.48 2.28 -4.58
CA SER B 285 -17.78 1.49 -5.58
C SER B 285 -18.79 0.93 -6.55
N ALA B 286 -18.37 0.86 -7.81
CA ALA B 286 -19.13 0.15 -8.85
C ALA B 286 -18.27 -0.94 -9.43
N SER B 287 -18.91 -1.94 -10.02
CA SER B 287 -18.22 -2.94 -10.83
C SER B 287 -19.04 -3.29 -12.05
N LEU B 288 -18.33 -3.36 -13.17
CA LEU B 288 -18.98 -3.39 -14.47
C LEU B 288 -18.67 -4.66 -15.16
N SER B 289 -19.56 -5.05 -16.07
CA SER B 289 -19.36 -6.21 -16.94
C SER B 289 -18.98 -5.76 -18.36
N THR B 290 -18.57 -6.73 -19.17
CA THR B 290 -18.26 -6.52 -20.60
C THR B 290 -19.43 -5.80 -21.31
N ASP B 291 -20.62 -6.43 -21.25
CA ASP B 291 -21.88 -5.85 -21.77
C ASP B 291 -22.38 -4.55 -21.05
N GLY B 292 -21.83 -4.27 -19.87
CA GLY B 292 -22.16 -3.03 -19.15
C GLY B 292 -23.24 -3.17 -18.08
N LEU B 293 -23.30 -4.33 -17.44
CA LEU B 293 -24.18 -4.46 -16.30
C LEU B 293 -23.37 -3.96 -15.11
N GLY B 294 -24.09 -3.47 -14.10
CA GLY B 294 -23.44 -2.74 -13.04
C GLY B 294 -23.85 -3.13 -11.65
N LEU B 295 -22.87 -3.27 -10.79
CA LEU B 295 -23.11 -3.52 -9.39
C LEU B 295 -22.42 -2.47 -8.53
N TYR B 296 -23.25 -1.80 -7.74
CA TYR B 296 -22.83 -0.67 -6.95
C TYR B 296 -23.01 -1.09 -5.51
N GLU B 297 -21.96 -0.96 -4.71
CA GLU B 297 -21.94 -1.40 -3.31
C GLU B 297 -21.03 -0.47 -2.51
N PRO B 298 -21.30 -0.31 -1.22
CA PRO B 298 -20.38 0.52 -0.48
C PRO B 298 -19.10 -0.28 -0.26
N VAL B 299 -17.94 0.40 -0.25
CA VAL B 299 -16.67 -0.27 0.05
C VAL B 299 -16.63 -0.77 1.48
N HIS B 300 -17.11 0.04 2.41
CA HIS B 300 -17.22 -0.35 3.84
C HIS B 300 -17.84 -1.73 4.07
N GLY B 301 -17.45 -2.38 5.17
CA GLY B 301 -17.77 -3.78 5.39
C GLY B 301 -19.11 -4.04 6.05
N SER B 302 -19.24 -5.24 6.60
CA SER B 302 -20.46 -5.66 7.31
C SER B 302 -20.73 -4.84 8.56
N ALA B 303 -19.64 -4.40 9.20
CA ALA B 303 -19.62 -3.80 10.54
C ALA B 303 -20.69 -4.41 11.46
N PRO B 304 -20.50 -5.70 11.83
CA PRO B 304 -21.51 -6.48 12.54
C PRO B 304 -21.82 -5.96 13.95
N ASP B 305 -20.85 -5.25 14.53
CA ASP B 305 -20.90 -4.73 15.89
C ASP B 305 -21.96 -3.64 16.11
N ILE B 306 -22.34 -2.92 15.05
CA ILE B 306 -23.29 -1.83 15.19
C ILE B 306 -24.59 -2.05 14.41
N ALA B 307 -24.80 -3.29 14.01
CA ALA B 307 -25.98 -3.69 13.26
C ALA B 307 -27.25 -3.52 14.08
N GLY B 308 -28.22 -2.85 13.49
CA GLY B 308 -29.51 -2.62 14.10
C GLY B 308 -29.56 -1.36 14.94
N LYS B 309 -28.38 -0.77 15.19
CA LYS B 309 -28.27 0.33 16.14
C LYS B 309 -28.24 1.70 15.47
N GLY B 310 -28.76 1.75 14.25
CA GLY B 310 -28.86 2.97 13.48
C GLY B 310 -27.76 4.00 13.64
N ILE B 311 -26.51 3.57 13.79
CA ILE B 311 -25.39 4.56 13.81
C ILE B 311 -24.50 4.59 12.57
N ALA B 312 -24.84 3.74 11.59
CA ALA B 312 -23.98 3.49 10.44
C ALA B 312 -24.08 4.58 9.41
N ASN B 313 -22.95 4.85 8.79
CA ASN B 313 -22.85 5.88 7.79
C ASN B 313 -23.42 5.45 6.44
N PRO B 314 -24.61 5.97 6.08
CA PRO B 314 -25.30 5.55 4.85
C PRO B 314 -24.89 6.30 3.61
N LEU B 315 -23.88 7.17 3.71
CA LEU B 315 -23.59 8.02 2.58
C LEU B 315 -22.94 7.25 1.44
N ALA B 316 -22.07 6.31 1.81
CA ALA B 316 -21.30 5.54 0.83
C ALA B 316 -22.26 4.81 -0.07
N THR B 317 -23.19 4.13 0.59
CA THR B 317 -24.18 3.33 -0.09
C THR B 317 -25.01 4.27 -0.96
N ILE B 318 -25.38 5.43 -0.40
CA ILE B 318 -26.10 6.45 -1.17
C ILE B 318 -25.24 6.85 -2.37
N LEU B 319 -24.05 7.39 -2.10
CA LEU B 319 -23.17 7.86 -3.18
C LEU B 319 -22.99 6.79 -4.24
N SER B 320 -23.12 5.52 -3.85
CA SER B 320 -22.99 4.40 -4.78
C SER B 320 -24.19 4.37 -5.72
N ALA B 321 -25.38 4.47 -5.14
CA ALA B 321 -26.61 4.50 -5.92
C ALA B 321 -26.56 5.67 -6.88
N ALA B 322 -25.76 6.68 -6.52
CA ALA B 322 -25.47 7.82 -7.39
C ALA B 322 -24.72 7.38 -8.64
N MET B 323 -23.58 6.70 -8.46
CA MET B 323 -22.77 6.26 -9.60
C MET B 323 -23.64 5.38 -10.46
N MET B 324 -24.46 4.56 -9.79
CA MET B 324 -25.45 3.74 -10.47
C MET B 324 -26.29 4.53 -11.42
N LEU B 325 -26.83 5.67 -10.96
CA LEU B 325 -27.63 6.53 -11.83
C LEU B 325 -26.84 7.00 -13.04
N ARG B 326 -25.60 7.38 -12.78
CA ARG B 326 -24.66 7.78 -13.81
C ARG B 326 -24.47 6.67 -14.81
N TYR B 327 -23.82 5.59 -14.38
CA TYR B 327 -23.25 4.61 -15.30
C TYR B 327 -24.25 3.62 -15.86
N SER B 328 -25.13 3.13 -15.01
CA SER B 328 -26.14 2.18 -15.45
C SER B 328 -27.31 2.83 -16.18
N PHE B 329 -27.56 4.13 -15.99
CA PHE B 329 -28.71 4.75 -16.63
C PHE B 329 -28.50 6.10 -17.30
N GLY B 330 -27.25 6.51 -17.47
CA GLY B 330 -26.95 7.78 -18.15
C GLY B 330 -27.50 9.04 -17.49
N LEU B 331 -28.24 8.89 -16.42
CA LEU B 331 -28.92 10.01 -15.78
C LEU B 331 -28.01 10.95 -15.00
N GLU B 332 -27.28 11.78 -15.73
CA GLU B 332 -26.24 12.58 -15.13
C GLU B 332 -26.74 13.64 -14.13
N GLU B 333 -27.86 14.31 -14.43
CA GLU B 333 -28.42 15.32 -13.50
C GLU B 333 -28.89 14.71 -12.17
N GLU B 334 -29.50 13.54 -12.25
CA GLU B 334 -30.03 12.81 -11.08
C GLU B 334 -28.89 12.36 -10.16
N ALA B 335 -27.72 12.13 -10.76
CA ALA B 335 -26.51 11.79 -10.02
C ALA B 335 -26.01 13.03 -9.31
N LYS B 336 -25.78 14.08 -10.11
CA LYS B 336 -25.28 15.36 -9.63
C LYS B 336 -26.22 15.82 -8.53
N ALA B 337 -27.50 15.50 -8.69
CA ALA B 337 -28.51 15.82 -7.70
C ALA B 337 -28.13 15.27 -6.34
N ILE B 338 -27.84 13.98 -6.27
CA ILE B 338 -27.45 13.34 -5.02
C ILE B 338 -26.09 13.81 -4.54
N GLU B 339 -25.13 13.91 -5.44
CA GLU B 339 -23.76 14.14 -5.03
C GLU B 339 -23.69 15.43 -4.21
N LYS B 340 -24.21 16.50 -4.82
CA LYS B 340 -24.07 17.86 -4.30
C LYS B 340 -24.97 18.07 -3.07
N ALA B 341 -26.15 17.47 -3.10
CA ALA B 341 -27.02 17.36 -1.93
C ALA B 341 -26.25 16.86 -0.71
N VAL B 342 -25.56 15.73 -0.89
CA VAL B 342 -24.64 15.20 0.11
C VAL B 342 -23.52 16.20 0.45
N GLU B 343 -22.82 16.71 -0.55
CA GLU B 343 -21.79 17.71 -0.28
C GLU B 343 -22.29 18.81 0.64
N LYS B 344 -23.54 19.25 0.40
CA LYS B 344 -24.17 20.29 1.23
C LYS B 344 -24.26 19.76 2.64
N VAL B 345 -25.08 18.74 2.88
CA VAL B 345 -25.29 18.24 4.25
C VAL B 345 -23.97 18.12 5.07
N LEU B 346 -22.84 17.99 4.37
CA LEU B 346 -21.54 17.99 5.03
C LEU B 346 -21.06 19.40 5.30
N ALA B 347 -21.22 20.27 4.31
CA ALA B 347 -20.79 21.65 4.43
C ALA B 347 -21.53 22.27 5.59
N GLU B 348 -22.75 21.77 5.83
CA GLU B 348 -23.63 22.30 6.87
C GLU B 348 -23.09 21.99 8.25
N GLY B 349 -22.70 20.74 8.47
CA GLY B 349 -22.15 20.31 9.76
C GLY B 349 -22.58 18.92 10.21
N TYR B 350 -23.44 18.28 9.42
CA TYR B 350 -23.86 16.93 9.78
C TYR B 350 -22.68 15.96 9.65
N ARG B 351 -22.71 14.95 10.51
CA ARG B 351 -21.67 13.94 10.60
C ARG B 351 -22.26 12.77 11.35
N THR B 352 -21.95 11.55 10.92
CA THR B 352 -22.26 10.38 11.74
C THR B 352 -21.02 10.00 12.57
N ALA B 353 -21.22 9.00 13.43
CA ALA B 353 -20.23 8.56 14.40
C ALA B 353 -18.81 8.54 13.82
N ASP B 354 -18.70 8.06 12.59
CA ASP B 354 -17.42 7.78 11.95
C ASP B 354 -16.74 8.96 11.29
N ILE B 355 -17.51 9.94 10.84
CA ILE B 355 -16.91 11.18 10.29
C ILE B 355 -16.82 12.33 11.29
N ALA B 356 -17.30 12.09 12.50
CA ALA B 356 -17.21 13.10 13.54
C ALA B 356 -15.84 13.13 14.18
N LYS B 357 -15.26 14.32 14.28
CA LYS B 357 -14.12 14.53 15.17
C LYS B 357 -14.59 14.23 16.59
N PRO B 358 -13.68 13.90 17.51
CA PRO B 358 -14.26 13.49 18.80
C PRO B 358 -14.79 14.69 19.61
N GLY B 359 -15.83 14.44 20.38
CA GLY B 359 -16.46 15.49 21.17
C GLY B 359 -17.42 16.35 20.38
N GLY B 360 -17.28 16.32 19.03
CA GLY B 360 -18.25 16.92 18.10
C GLY B 360 -19.52 16.09 18.04
N LYS B 361 -20.64 16.71 17.71
CA LYS B 361 -21.87 15.93 17.69
C LYS B 361 -22.07 15.22 16.36
N TYR B 362 -22.60 14.00 16.46
CA TYR B 362 -22.94 13.15 15.32
C TYR B 362 -24.48 12.93 15.22
N VAL B 363 -24.95 12.24 14.17
CA VAL B 363 -26.40 11.92 13.97
C VAL B 363 -26.66 10.41 13.74
N SER B 364 -27.93 10.03 13.74
CA SER B 364 -28.29 8.65 13.49
C SER B 364 -28.37 8.44 11.99
N THR B 365 -28.47 7.18 11.60
CA THR B 365 -28.64 6.80 10.20
C THR B 365 -29.80 7.57 9.57
N THR B 366 -30.94 7.59 10.25
CA THR B 366 -32.14 8.16 9.64
C THR B 366 -32.05 9.69 9.63
N GLU B 367 -31.57 10.26 10.73
CA GLU B 367 -31.32 11.69 10.78
C GLU B 367 -30.27 12.08 9.74
N MET B 368 -29.46 11.11 9.34
CA MET B 368 -28.59 11.30 8.19
C MET B 368 -29.34 11.18 6.88
N THR B 369 -30.15 10.12 6.75
CA THR B 369 -30.88 9.87 5.52
C THR B 369 -31.81 11.04 5.24
N ASP B 370 -32.68 11.32 6.20
CA ASP B 370 -33.72 12.33 6.05
C ASP B 370 -33.12 13.66 5.65
N GLU B 371 -32.00 14.01 6.27
CA GLU B 371 -31.35 15.31 6.01
C GLU B 371 -30.90 15.42 4.59
N VAL B 372 -30.55 14.29 4.01
CA VAL B 372 -30.09 14.26 2.67
C VAL B 372 -31.31 14.35 1.75
N LYS B 373 -32.40 13.70 2.13
CA LYS B 373 -33.63 13.75 1.35
C LYS B 373 -34.08 15.19 1.15
N ALA B 374 -33.96 15.98 2.22
CA ALA B 374 -34.30 17.39 2.22
C ALA B 374 -33.45 18.21 1.27
N ALA B 375 -32.15 17.92 1.25
CA ALA B 375 -31.24 18.65 0.42
C ALA B 375 -31.49 18.39 -1.09
N VAL B 376 -32.28 17.35 -1.41
CA VAL B 376 -32.66 17.11 -2.81
C VAL B 376 -33.81 17.99 -3.27
N VAL B 377 -34.77 18.21 -2.37
CA VAL B 377 -35.98 19.01 -2.65
C VAL B 377 -35.66 20.52 -2.80
N ASP B 378 -34.86 21.05 -1.86
CA ASP B 378 -34.48 22.46 -1.86
C ASP B 378 -33.47 22.79 -2.98
N GLU B 379 -32.73 21.77 -3.43
CA GLU B 379 -31.82 21.89 -4.59
C GLU B 379 -32.60 21.72 -5.88
N LEU B 380 -33.86 21.29 -5.74
CA LEU B 380 -34.81 21.29 -6.85
C LEU B 380 -35.76 22.51 -6.77
N ALA B 381 -35.33 23.51 -5.99
CA ALA B 381 -35.88 24.87 -6.00
C ALA B 381 -35.31 25.64 -7.22
N THR B 382 -36.19 26.37 -7.90
CA THR B 382 -35.92 26.86 -9.25
C THR B 382 -36.25 28.36 -9.48
N SER B 383 -35.73 29.22 -8.61
CA SER B 383 -35.99 30.66 -8.64
C SER B 383 -35.02 31.40 -7.70
N ALA B 384 -34.73 32.66 -8.00
CA ALA B 384 -33.83 33.49 -7.18
C ALA B 384 -34.38 34.92 -6.92
N ILE B 385 -35.45 35.01 -6.10
CA ILE B 385 -36.38 36.19 -6.04
C ILE B 385 -36.54 36.76 -7.46
N MET B 386 -36.43 35.86 -8.44
CA MET B 386 -36.20 36.23 -9.85
C MET B 386 -36.28 35.03 -10.84
N THR B 387 -35.39 35.04 -11.84
CA THR B 387 -35.27 34.01 -12.87
C THR B 387 -36.10 34.36 -14.09
#